data_1G5Q
#
_entry.id   1G5Q
#
_cell.length_a   223.552
_cell.length_b   223.552
_cell.length_c   223.552
_cell.angle_alpha   90.00
_cell.angle_beta   90.00
_cell.angle_gamma   90.00
#
_symmetry.space_group_name_H-M   'I 21 3'
#
loop_
_entity.id
_entity.type
_entity.pdbx_description
1 polymer 'EPIDERMIN MODIFYING ENZYME EPID'
2 polymer 'LANTIBIOTIC EPIDERMIN'
3 non-polymer 'FLAVIN MONONUCLEOTIDE'
4 non-polymer 2-AMINO-2-HYDROXYMETHYL-PROPANE-1,3-DIOL
5 water water
#
loop_
_entity_poly.entity_id
_entity_poly.type
_entity_poly.pdbx_seq_one_letter_code
_entity_poly.pdbx_strand_id
1 'polypeptide(L)'
;MYGKLLICATASINVININHYIVELKQHFDEVNILFSPSSKNFINTDVLKLFCDNLYDEIKDPLLNNINIVENHEYILVL
PASANTINKIANGICDNLLTTVCLTGYQKLFIFPNMNIRMWGNPFLQKNIDLLKNNDVKVYSPDMNKSFEISSGRYKNNI
TMPNIENVLNFVLNNEKRPLD
;
A,D,G,L
2 'polypeptide(L)' DSYTC M,N,O,P
#
# COMPACT_ATOMS: atom_id res chain seq x y z
N MET A 1 14.46 39.46 9.98
CA MET A 1 13.21 38.70 9.66
C MET A 1 12.21 39.55 8.90
N TYR A 2 11.96 39.20 7.65
CA TYR A 2 11.00 39.94 6.83
C TYR A 2 9.63 39.27 6.94
N GLY A 3 8.69 39.74 6.14
CA GLY A 3 7.34 39.19 6.18
C GLY A 3 7.21 37.74 5.71
N LYS A 4 5.98 37.25 5.78
CA LYS A 4 5.68 35.89 5.36
C LYS A 4 5.96 35.70 3.87
N LEU A 5 6.57 34.58 3.53
CA LEU A 5 6.90 34.28 2.15
C LEU A 5 6.26 32.97 1.67
N LEU A 6 5.81 32.96 0.42
CA LEU A 6 5.20 31.78 -0.15
C LEU A 6 6.00 31.26 -1.33
N ILE A 7 6.26 29.96 -1.34
CA ILE A 7 6.96 29.34 -2.45
C ILE A 7 5.95 28.60 -3.30
N CYS A 8 5.95 28.90 -4.59
CA CYS A 8 5.08 28.23 -5.54
C CYS A 8 6.03 27.37 -6.35
N ALA A 9 6.09 26.08 -5.98
CA ALA A 9 6.97 25.13 -6.64
C ALA A 9 6.30 24.41 -7.80
N THR A 10 6.99 24.35 -8.94
CA THR A 10 6.45 23.69 -10.11
C THR A 10 7.26 22.44 -10.51
N ALA A 11 6.77 21.71 -11.51
CA ALA A 11 7.39 20.45 -11.94
C ALA A 11 8.71 20.49 -12.69
N SER A 12 9.73 21.03 -12.02
CA SER A 12 11.06 21.05 -12.59
C SER A 12 11.78 19.94 -11.85
N ILE A 13 12.71 19.25 -12.52
CA ILE A 13 13.45 18.17 -11.87
C ILE A 13 14.04 18.66 -10.55
N ASN A 14 14.36 19.95 -10.49
CA ASN A 14 14.97 20.51 -9.28
C ASN A 14 14.04 20.70 -8.08
N VAL A 15 12.75 20.46 -8.27
CA VAL A 15 11.82 20.60 -7.18
C VAL A 15 12.16 19.58 -6.09
N ILE A 16 12.90 18.53 -6.45
CA ILE A 16 13.26 17.51 -5.47
C ILE A 16 14.19 18.03 -4.37
N ASN A 17 14.79 19.19 -4.60
CA ASN A 17 15.69 19.78 -3.61
C ASN A 17 15.09 21.05 -3.01
N ILE A 18 13.78 21.21 -3.16
CA ILE A 18 13.13 22.41 -2.65
C ILE A 18 13.29 22.55 -1.13
N ASN A 19 13.53 21.46 -0.43
CA ASN A 19 13.69 21.54 1.03
C ASN A 19 14.90 22.38 1.42
N HIS A 20 15.95 22.38 0.61
CA HIS A 20 17.13 23.17 0.95
C HIS A 20 16.77 24.64 1.00
N TYR A 21 15.93 25.07 0.07
CA TYR A 21 15.50 26.47 0.02
C TYR A 21 14.60 26.84 1.20
N ILE A 22 13.66 25.96 1.54
CA ILE A 22 12.76 26.22 2.64
C ILE A 22 13.54 26.49 3.92
N VAL A 23 14.49 25.62 4.23
CA VAL A 23 15.30 25.75 5.43
C VAL A 23 16.13 27.04 5.43
N GLU A 24 16.71 27.37 4.28
CA GLU A 24 17.51 28.59 4.17
C GLU A 24 16.64 29.82 4.38
N LEU A 25 15.57 29.91 3.59
CA LEU A 25 14.65 31.03 3.64
C LEU A 25 13.99 31.20 5.01
N LYS A 26 13.81 30.11 5.74
CA LYS A 26 13.20 30.19 7.06
C LYS A 26 14.07 30.96 8.03
N GLN A 27 15.31 31.20 7.66
CA GLN A 27 16.24 31.94 8.51
C GLN A 27 16.10 33.44 8.27
N HIS A 28 15.31 33.83 7.28
CA HIS A 28 15.11 35.24 6.96
C HIS A 28 13.67 35.74 6.90
N PHE A 29 12.69 34.84 6.84
CA PHE A 29 11.30 35.26 6.76
C PHE A 29 10.46 34.64 7.88
N ASP A 30 9.58 35.45 8.47
CA ASP A 30 8.72 35.01 9.56
C ASP A 30 8.12 33.65 9.31
N GLU A 31 7.66 33.46 8.08
CA GLU A 31 7.07 32.20 7.68
C GLU A 31 7.45 31.90 6.25
N VAL A 32 7.61 30.61 5.96
CA VAL A 32 7.90 30.15 4.62
C VAL A 32 6.87 29.06 4.39
N ASN A 33 5.90 29.34 3.52
CA ASN A 33 4.86 28.39 3.21
C ASN A 33 5.05 27.90 1.79
N ILE A 34 4.44 26.77 1.45
CA ILE A 34 4.64 26.23 0.12
C ILE A 34 3.36 25.73 -0.54
N LEU A 35 3.34 25.82 -1.86
CA LEU A 35 2.19 25.42 -2.67
C LEU A 35 2.77 24.79 -3.93
N PHE A 36 2.34 23.57 -4.25
CA PHE A 36 2.84 22.85 -5.42
C PHE A 36 1.87 22.78 -6.60
N SER A 37 2.42 22.61 -7.79
CA SER A 37 1.59 22.46 -8.98
C SER A 37 1.21 20.97 -8.93
N PRO A 38 0.07 20.61 -9.54
CA PRO A 38 -0.34 19.20 -9.52
C PRO A 38 0.75 18.22 -10.01
N SER A 39 1.42 18.58 -11.09
CA SER A 39 2.46 17.73 -11.68
C SER A 39 3.72 17.51 -10.84
N SER A 40 4.07 18.47 -10.01
CA SER A 40 5.28 18.32 -9.21
C SER A 40 5.16 17.18 -8.21
N LYS A 41 3.92 16.73 -7.99
CA LYS A 41 3.69 15.63 -7.05
C LYS A 41 4.21 14.30 -7.57
N ASN A 42 4.61 14.28 -8.84
CA ASN A 42 5.17 13.07 -9.47
C ASN A 42 6.68 13.00 -9.19
N PHE A 43 7.24 14.08 -8.66
CA PHE A 43 8.66 14.14 -8.38
C PHE A 43 8.98 13.94 -6.91
N ILE A 44 8.08 14.38 -6.04
CA ILE A 44 8.31 14.26 -4.61
C ILE A 44 7.04 14.02 -3.81
N ASN A 45 7.22 13.57 -2.57
CA ASN A 45 6.10 13.37 -1.66
C ASN A 45 6.02 14.74 -0.98
N THR A 46 5.06 15.56 -1.41
CA THR A 46 4.90 16.91 -0.86
C THR A 46 4.58 16.94 0.62
N ASP A 47 4.09 15.82 1.13
CA ASP A 47 3.71 15.72 2.51
C ASP A 47 4.89 15.99 3.46
N VAL A 48 6.07 15.52 3.09
CA VAL A 48 7.24 15.69 3.93
C VAL A 48 7.65 17.14 4.13
N LEU A 49 7.26 18.01 3.21
CA LEU A 49 7.60 19.43 3.35
C LEU A 49 6.91 20.07 4.55
N LYS A 50 5.86 19.42 5.08
CA LYS A 50 5.15 19.94 6.23
C LYS A 50 6.08 20.00 7.43
N LEU A 51 7.17 19.25 7.36
CA LEU A 51 8.15 19.19 8.44
C LEU A 51 9.14 20.34 8.38
N PHE A 52 9.15 21.09 7.28
CA PHE A 52 10.08 22.19 7.14
C PHE A 52 9.41 23.55 7.00
N CYS A 53 8.29 23.61 6.30
CA CYS A 53 7.61 24.87 6.11
C CYS A 53 6.51 25.04 7.15
N ASP A 54 6.10 26.29 7.36
CA ASP A 54 5.06 26.60 8.34
C ASP A 54 3.71 26.05 7.91
N ASN A 55 3.38 26.22 6.62
CA ASN A 55 2.13 25.73 6.09
C ASN A 55 2.26 25.21 4.68
N LEU A 56 1.53 24.13 4.41
CA LEU A 56 1.50 23.52 3.10
C LEU A 56 0.09 23.65 2.57
N TYR A 57 -0.07 24.36 1.46
CA TYR A 57 -1.40 24.53 0.85
C TYR A 57 -1.62 23.38 -0.12
N ASP A 58 -2.61 22.55 0.17
CA ASP A 58 -2.93 21.38 -0.65
C ASP A 58 -4.34 21.49 -1.23
N GLU A 59 -4.44 21.75 -2.53
CA GLU A 59 -5.76 21.90 -3.16
C GLU A 59 -6.55 20.60 -3.27
N ILE A 60 -5.92 19.47 -3.01
CA ILE A 60 -6.63 18.19 -3.06
C ILE A 60 -7.24 17.95 -1.68
N LYS A 61 -6.47 18.24 -0.64
CA LYS A 61 -6.94 18.07 0.74
C LYS A 61 -8.10 19.06 0.94
N ASP A 62 -7.94 20.27 0.40
CA ASP A 62 -8.97 21.30 0.50
C ASP A 62 -9.13 22.02 -0.85
N PRO A 63 -10.10 21.58 -1.66
CA PRO A 63 -10.38 22.17 -2.98
C PRO A 63 -10.93 23.60 -2.93
N LEU A 64 -11.30 24.06 -1.73
CA LEU A 64 -11.86 25.40 -1.60
C LEU A 64 -10.99 26.41 -0.88
N LEU A 65 -9.68 26.30 -1.09
CA LEU A 65 -8.72 27.24 -0.50
C LEU A 65 -8.93 28.62 -1.16
N ASN A 66 -9.05 29.64 -0.32
CA ASN A 66 -9.27 31.02 -0.79
C ASN A 66 -7.97 31.64 -1.30
N ASN A 67 -7.83 31.77 -2.62
CA ASN A 67 -6.61 32.33 -3.19
C ASN A 67 -6.36 33.78 -2.76
N ILE A 68 -7.43 34.51 -2.45
CA ILE A 68 -7.29 35.89 -2.01
C ILE A 68 -6.65 35.93 -0.62
N ASN A 69 -7.06 35.01 0.24
CA ASN A 69 -6.48 34.94 1.59
C ASN A 69 -5.02 34.57 1.52
N ILE A 70 -4.70 33.60 0.66
CA ILE A 70 -3.33 33.17 0.49
C ILE A 70 -2.45 34.32 0.04
N VAL A 71 -2.91 35.08 -0.96
CA VAL A 71 -2.12 36.20 -1.44
C VAL A 71 -1.98 37.30 -0.38
N GLU A 72 -3.05 37.58 0.35
CA GLU A 72 -3.02 38.61 1.37
C GLU A 72 -2.14 38.24 2.56
N ASN A 73 -1.99 36.94 2.79
CA ASN A 73 -1.20 36.46 3.92
C ASN A 73 0.31 36.50 3.68
N HIS A 74 0.74 36.87 2.48
CA HIS A 74 2.17 36.91 2.19
C HIS A 74 2.66 38.23 1.59
N GLU A 75 3.90 38.58 1.89
CA GLU A 75 4.50 39.79 1.35
C GLU A 75 5.30 39.46 0.10
N TYR A 76 5.73 38.20 -0.01
CA TYR A 76 6.48 37.78 -1.18
C TYR A 76 5.97 36.43 -1.67
N ILE A 77 5.89 36.28 -2.99
CA ILE A 77 5.46 35.04 -3.61
C ILE A 77 6.51 34.65 -4.64
N LEU A 78 7.17 33.53 -4.42
CA LEU A 78 8.21 33.06 -5.33
C LEU A 78 7.79 31.82 -6.12
N VAL A 79 8.01 31.85 -7.42
CA VAL A 79 7.74 30.69 -8.24
C VAL A 79 9.14 30.12 -8.36
N LEU A 80 9.40 29.07 -7.59
CA LEU A 80 10.72 28.45 -7.55
C LEU A 80 10.67 26.95 -7.24
N PRO A 81 11.09 26.10 -8.20
CA PRO A 81 11.59 26.46 -9.52
C PRO A 81 10.40 26.83 -10.37
N ALA A 82 10.58 27.71 -11.35
CA ALA A 82 9.49 28.09 -12.22
C ALA A 82 9.66 27.39 -13.56
N SER A 83 8.68 26.56 -13.91
CA SER A 83 8.71 25.82 -15.17
C SER A 83 8.27 26.70 -16.33
N ALA A 84 8.65 26.29 -17.53
CA ALA A 84 8.27 27.01 -18.73
C ALA A 84 6.75 27.11 -18.79
N ASN A 85 6.09 25.98 -18.51
CA ASN A 85 4.64 25.93 -18.54
C ASN A 85 3.97 26.93 -17.62
N THR A 86 4.37 26.96 -16.34
CA THR A 86 3.77 27.90 -15.39
C THR A 86 4.09 29.35 -15.74
N ILE A 87 5.30 29.60 -16.23
CA ILE A 87 5.68 30.95 -16.63
C ILE A 87 4.73 31.41 -17.75
N ASN A 88 4.53 30.54 -18.74
CA ASN A 88 3.66 30.88 -19.86
C ASN A 88 2.19 30.98 -19.48
N LYS A 89 1.77 30.21 -18.48
CA LYS A 89 0.38 30.28 -18.03
C LYS A 89 0.17 31.62 -17.32
N ILE A 90 1.12 31.99 -16.49
CA ILE A 90 1.01 33.25 -15.76
C ILE A 90 0.97 34.42 -16.74
N ALA A 91 1.86 34.39 -17.74
CA ALA A 91 1.92 35.45 -18.74
C ALA A 91 0.62 35.62 -19.50
N ASN A 92 -0.12 34.53 -19.71
CA ASN A 92 -1.38 34.60 -20.43
C ASN A 92 -2.58 34.70 -19.51
N GLY A 93 -2.33 34.81 -18.21
CA GLY A 93 -3.43 34.92 -17.26
C GLY A 93 -4.19 33.62 -17.05
N ILE A 94 -3.60 32.51 -17.46
CA ILE A 94 -4.25 31.23 -17.29
C ILE A 94 -4.02 30.72 -15.87
N CYS A 95 -5.12 30.35 -15.21
CA CYS A 95 -5.05 29.86 -13.84
C CYS A 95 -6.01 28.70 -13.61
N ASP A 96 -5.64 27.53 -14.13
CA ASP A 96 -6.48 26.34 -14.00
C ASP A 96 -6.08 25.41 -12.86
N ASN A 97 -5.27 25.93 -11.92
CA ASN A 97 -4.91 25.19 -10.72
C ASN A 97 -4.66 26.24 -9.65
N LEU A 98 -4.61 25.83 -8.38
CA LEU A 98 -4.43 26.78 -7.30
C LEU A 98 -3.16 27.62 -7.41
N LEU A 99 -2.05 27.00 -7.79
CA LEU A 99 -0.78 27.72 -7.91
C LEU A 99 -0.89 28.88 -8.88
N THR A 100 -1.35 28.62 -10.10
CA THR A 100 -1.46 29.69 -11.09
C THR A 100 -2.53 30.70 -10.73
N THR A 101 -3.56 30.27 -10.01
CA THR A 101 -4.61 31.18 -9.59
C THR A 101 -4.02 32.17 -8.59
N VAL A 102 -3.16 31.67 -7.71
CA VAL A 102 -2.52 32.50 -6.70
C VAL A 102 -1.58 33.48 -7.41
N CYS A 103 -0.89 33.01 -8.44
CA CYS A 103 0.03 33.87 -9.17
C CYS A 103 -0.69 34.99 -9.92
N LEU A 104 -1.90 34.72 -10.41
CA LEU A 104 -2.66 35.74 -11.11
C LEU A 104 -3.12 36.78 -10.11
N THR A 105 -3.63 36.31 -8.98
CA THR A 105 -4.12 37.20 -7.93
C THR A 105 -2.99 38.03 -7.30
N GLY A 106 -1.82 37.44 -7.13
CA GLY A 106 -0.73 38.14 -6.51
C GLY A 106 0.41 38.56 -7.44
N TYR A 107 0.07 38.93 -8.67
CA TYR A 107 1.08 39.34 -9.63
C TYR A 107 1.99 40.46 -9.10
N GLN A 108 1.44 41.30 -8.22
CA GLN A 108 2.20 42.41 -7.66
C GLN A 108 3.30 42.02 -6.66
N LYS A 109 3.25 40.79 -6.14
CA LYS A 109 4.26 40.32 -5.17
C LYS A 109 4.99 39.13 -5.75
N LEU A 110 4.88 38.96 -7.06
CA LEU A 110 5.47 37.81 -7.73
C LEU A 110 6.94 37.91 -8.14
N PHE A 111 7.70 36.88 -7.80
CA PHE A 111 9.12 36.78 -8.16
C PHE A 111 9.29 35.42 -8.82
N ILE A 112 9.68 35.43 -10.09
CA ILE A 112 9.84 34.20 -10.85
C ILE A 112 11.28 33.78 -11.13
N PHE A 113 11.63 32.56 -10.73
CA PHE A 113 12.98 32.02 -10.95
C PHE A 113 12.92 30.84 -11.92
N PRO A 114 13.10 31.11 -13.23
CA PRO A 114 13.07 30.10 -14.28
C PRO A 114 14.10 29.00 -14.15
N ASN A 115 13.68 27.77 -14.45
CA ASN A 115 14.57 26.62 -14.44
C ASN A 115 14.09 25.64 -15.49
N MET A 116 14.98 25.32 -16.43
CA MET A 116 14.66 24.42 -17.51
C MET A 116 15.89 24.27 -18.38
N ASN A 117 15.84 23.34 -19.32
CA ASN A 117 16.95 23.13 -20.24
C ASN A 117 17.13 24.37 -21.09
N ILE A 118 18.37 24.67 -21.43
CA ILE A 118 18.70 25.84 -22.24
C ILE A 118 17.91 25.76 -23.56
N ARG A 119 17.68 24.55 -24.07
CA ARG A 119 16.94 24.40 -25.31
C ARG A 119 15.49 24.88 -25.15
N MET A 120 14.88 24.57 -24.02
CA MET A 120 13.50 24.99 -23.76
C MET A 120 13.51 26.51 -23.59
N TRP A 121 14.53 27.01 -22.91
CA TRP A 121 14.71 28.43 -22.65
C TRP A 121 14.73 29.25 -23.94
N GLY A 122 15.18 28.62 -25.03
CA GLY A 122 15.23 29.32 -26.29
C GLY A 122 13.91 29.40 -27.04
N ASN A 123 12.88 28.75 -26.54
CA ASN A 123 11.58 28.77 -27.19
C ASN A 123 11.09 30.21 -27.39
N PRO A 124 10.75 30.58 -28.63
CA PRO A 124 10.27 31.93 -29.00
C PRO A 124 9.08 32.39 -28.18
N PHE A 125 8.09 31.51 -28.06
CA PHE A 125 6.86 31.80 -27.33
C PHE A 125 7.12 32.02 -25.84
N LEU A 126 8.02 31.22 -25.28
CA LEU A 126 8.37 31.38 -23.89
C LEU A 126 8.99 32.77 -23.71
N GLN A 127 9.94 33.11 -24.57
CA GLN A 127 10.61 34.40 -24.49
C GLN A 127 9.68 35.60 -24.67
N LYS A 128 8.68 35.49 -25.53
CA LYS A 128 7.75 36.61 -25.70
C LYS A 128 6.97 36.84 -24.42
N ASN A 129 6.66 35.75 -23.73
CA ASN A 129 5.91 35.81 -22.48
C ASN A 129 6.77 36.38 -21.37
N ILE A 130 8.06 36.07 -21.39
CA ILE A 130 8.96 36.58 -20.38
C ILE A 130 9.09 38.10 -20.50
N ASP A 131 9.07 38.59 -21.74
CA ASP A 131 9.14 40.02 -21.99
C ASP A 131 7.86 40.65 -21.50
N LEU A 132 6.74 40.02 -21.83
CA LEU A 132 5.44 40.51 -21.44
C LEU A 132 5.35 40.60 -19.91
N LEU A 133 5.88 39.59 -19.23
CA LEU A 133 5.85 39.57 -17.78
C LEU A 133 6.65 40.74 -17.23
N LYS A 134 7.88 40.91 -17.73
CA LYS A 134 8.76 41.98 -17.28
C LYS A 134 8.20 43.37 -17.57
N ASN A 135 7.60 43.52 -18.75
CA ASN A 135 7.02 44.80 -19.14
C ASN A 135 5.75 45.13 -18.37
N ASN A 136 5.32 44.24 -17.50
CA ASN A 136 4.12 44.47 -16.70
C ASN A 136 4.41 44.33 -15.22
N ASP A 137 5.65 44.65 -14.86
CA ASP A 137 6.11 44.62 -13.49
C ASP A 137 6.13 43.32 -12.72
N VAL A 138 6.30 42.21 -13.41
CA VAL A 138 6.40 40.94 -12.72
C VAL A 138 7.89 40.68 -12.75
N LYS A 139 8.47 40.49 -11.57
CA LYS A 139 9.90 40.27 -11.47
C LYS A 139 10.32 38.88 -11.95
N VAL A 140 11.12 38.85 -13.01
CA VAL A 140 11.61 37.58 -13.55
C VAL A 140 13.12 37.56 -13.48
N TYR A 141 13.65 36.67 -12.65
CA TYR A 141 15.09 36.53 -12.48
C TYR A 141 15.73 35.99 -13.77
N SER A 142 16.96 36.43 -14.06
CA SER A 142 17.65 35.94 -15.25
C SER A 142 18.41 34.68 -14.87
N PRO A 143 18.01 33.54 -15.44
CA PRO A 143 18.65 32.25 -15.16
C PRO A 143 20.17 32.29 -15.19
N ASP A 144 20.79 31.58 -14.23
CA ASP A 144 22.24 31.50 -14.17
C ASP A 144 22.72 30.35 -15.06
N MET A 145 23.89 30.51 -15.65
CA MET A 145 24.50 29.48 -16.50
C MET A 145 25.68 28.93 -15.73
N ASN A 146 25.85 27.62 -15.72
CA ASN A 146 26.96 27.02 -14.99
C ASN A 146 26.98 25.51 -15.16
N LYS A 147 27.81 24.85 -14.37
CA LYS A 147 27.90 23.40 -14.42
C LYS A 147 26.67 22.79 -13.77
N SER A 148 25.91 22.02 -14.54
CA SER A 148 24.75 21.36 -13.98
C SER A 148 24.87 19.93 -14.44
N PHE A 149 24.26 19.03 -13.69
CA PHE A 149 24.30 17.62 -14.04
C PHE A 149 23.06 17.29 -14.87
N GLU A 150 23.24 16.97 -16.15
CA GLU A 150 22.06 16.63 -16.92
C GLU A 150 21.81 15.14 -16.83
N ILE A 151 20.61 14.79 -16.39
CA ILE A 151 20.22 13.40 -16.18
C ILE A 151 20.26 12.50 -17.41
N SER A 152 20.04 13.06 -18.59
CA SER A 152 20.09 12.25 -19.82
C SER A 152 21.45 11.57 -19.97
N SER A 153 22.49 12.38 -20.09
CA SER A 153 23.85 11.90 -20.29
C SER A 153 24.66 11.60 -19.03
N GLY A 154 24.31 12.22 -17.93
CA GLY A 154 25.05 11.99 -16.70
C GLY A 154 26.39 12.71 -16.79
N ARG A 155 26.42 13.81 -17.54
CA ARG A 155 27.63 14.60 -17.70
C ARG A 155 27.42 15.97 -17.08
N TYR A 156 28.47 16.54 -16.54
CA TYR A 156 28.35 17.88 -16.00
C TYR A 156 28.58 18.80 -17.18
N LYS A 157 27.50 19.31 -17.73
CA LYS A 157 27.59 20.22 -18.86
C LYS A 157 27.07 21.58 -18.47
N ASN A 158 27.44 22.58 -19.24
CA ASN A 158 27.00 23.91 -18.97
C ASN A 158 25.55 24.07 -19.37
N ASN A 159 24.74 24.61 -18.47
CA ASN A 159 23.32 24.80 -18.72
C ASN A 159 22.75 25.71 -17.65
N ILE A 160 21.46 25.96 -17.72
CA ILE A 160 20.82 26.79 -16.72
C ILE A 160 20.88 26.06 -15.38
N THR A 161 21.20 26.81 -14.32
CA THR A 161 21.31 26.23 -12.99
C THR A 161 20.39 26.96 -12.01
N MET A 162 20.14 26.33 -10.88
CA MET A 162 19.28 26.92 -9.86
C MET A 162 20.00 28.09 -9.18
N PRO A 163 19.25 29.10 -8.74
CA PRO A 163 19.86 30.26 -8.09
C PRO A 163 20.28 29.96 -6.65
N ASN A 164 21.48 30.42 -6.24
CA ASN A 164 21.90 30.20 -4.86
C ASN A 164 21.09 31.12 -3.97
N ILE A 165 21.09 30.87 -2.67
CA ILE A 165 20.30 31.68 -1.77
C ILE A 165 20.63 33.18 -1.74
N GLU A 166 21.91 33.54 -1.83
CA GLU A 166 22.28 34.96 -1.82
C GLU A 166 21.53 35.68 -2.94
N ASN A 167 21.58 35.10 -4.14
CA ASN A 167 20.91 35.69 -5.29
C ASN A 167 19.40 35.74 -5.15
N VAL A 168 18.83 34.71 -4.54
CA VAL A 168 17.39 34.69 -4.33
C VAL A 168 17.04 35.85 -3.41
N LEU A 169 17.71 35.92 -2.27
CA LEU A 169 17.46 36.97 -1.29
C LEU A 169 17.64 38.36 -1.88
N ASN A 170 18.74 38.57 -2.60
CA ASN A 170 19.01 39.86 -3.19
C ASN A 170 17.98 40.25 -4.23
N PHE A 171 17.52 39.29 -5.03
CA PHE A 171 16.53 39.58 -6.07
C PHE A 171 15.15 39.90 -5.46
N VAL A 172 14.84 39.24 -4.36
CA VAL A 172 13.56 39.44 -3.69
C VAL A 172 13.53 40.66 -2.79
N LEU A 173 14.61 40.89 -2.05
CA LEU A 173 14.66 42.02 -1.13
C LEU A 173 15.13 43.35 -1.71
N ASN A 174 15.83 43.31 -2.85
CA ASN A 174 16.31 44.53 -3.49
C ASN A 174 15.52 44.88 -4.76
N ASP B 1 23.43 19.33 -6.49
CA ASP B 1 23.74 20.43 -7.47
C ASP B 1 22.47 20.81 -8.22
N SER B 2 22.64 21.47 -9.36
CA SER B 2 21.50 21.84 -10.18
C SER B 2 21.37 20.69 -11.18
N TYR B 3 20.15 20.39 -11.59
CA TYR B 3 19.93 19.32 -12.54
C TYR B 3 19.34 19.83 -13.84
N THR B 4 19.58 19.10 -14.91
CA THR B 4 19.10 19.46 -16.21
C THR B 4 18.66 18.16 -16.90
N CYS B 5 17.58 18.22 -17.66
CA CYS B 5 17.10 17.04 -18.37
C CYS B 5 18.02 16.70 -19.54
N MET C 1 37.10 4.13 -11.52
CA MET C 1 35.79 3.43 -11.48
C MET C 1 35.92 2.05 -10.84
N TYR C 2 35.21 1.85 -9.73
CA TYR C 2 35.22 0.57 -9.04
C TYR C 2 34.00 -0.23 -9.46
N GLY C 3 33.79 -1.36 -8.79
CA GLY C 3 32.65 -2.20 -9.13
C GLY C 3 31.28 -1.61 -8.83
N LYS C 4 30.25 -2.37 -9.20
CA LYS C 4 28.87 -1.95 -8.98
C LYS C 4 28.60 -1.78 -7.48
N LEU C 5 27.87 -0.72 -7.15
CA LEU C 5 27.54 -0.42 -5.76
C LEU C 5 26.03 -0.31 -5.56
N LEU C 6 25.56 -0.86 -4.45
CA LEU C 6 24.16 -0.82 -4.11
C LEU C 6 23.91 0.01 -2.86
N ILE C 7 22.95 0.93 -2.94
CA ILE C 7 22.56 1.75 -1.79
C ILE C 7 21.27 1.18 -1.21
N CYS C 8 21.30 0.87 0.07
CA CYS C 8 20.12 0.39 0.78
C CYS C 8 19.73 1.56 1.66
N ALA C 9 18.74 2.33 1.20
CA ALA C 9 18.26 3.51 1.89
C ALA C 9 17.09 3.21 2.82
N THR C 10 17.18 3.69 4.06
CA THR C 10 16.12 3.47 5.05
C THR C 10 15.41 4.77 5.45
N ALA C 11 14.36 4.63 6.26
CA ALA C 11 13.53 5.75 6.68
C ALA C 11 14.09 6.79 7.65
N SER C 12 15.17 7.44 7.26
CA SER C 12 15.76 8.50 8.05
C SER C 12 15.30 9.77 7.35
N ILE C 13 15.08 10.84 8.09
CA ILE C 13 14.65 12.08 7.47
C ILE C 13 15.60 12.46 6.33
N ASN C 14 16.87 12.08 6.45
CA ASN C 14 17.87 12.42 5.45
C ASN C 14 17.78 11.64 4.12
N VAL C 15 16.88 10.68 4.05
CA VAL C 15 16.74 9.92 2.82
C VAL C 15 16.23 10.85 1.72
N ILE C 16 15.66 12.00 2.10
CA ILE C 16 15.15 12.93 1.10
C ILE C 16 16.26 13.55 0.25
N ASN C 17 17.50 13.43 0.71
CA ASN C 17 18.63 13.97 -0.04
C ASN C 17 19.51 12.87 -0.61
N ILE C 18 18.97 11.67 -0.69
CA ILE C 18 19.74 10.55 -1.19
C ILE C 18 20.21 10.77 -2.63
N ASN C 19 19.52 11.61 -3.39
CA ASN C 19 19.94 11.87 -4.75
C ASN C 19 21.33 12.49 -4.85
N HIS C 20 21.71 13.31 -3.87
CA HIS C 20 23.03 13.91 -3.91
C HIS C 20 24.10 12.83 -3.87
N TYR C 21 23.88 11.80 -3.07
CA TYR C 21 24.83 10.71 -2.95
C TYR C 21 24.90 9.86 -4.21
N ILE C 22 23.76 9.58 -4.79
CA ILE C 22 23.71 8.79 -6.01
C ILE C 22 24.58 9.44 -7.09
N VAL C 23 24.37 10.73 -7.31
CA VAL C 23 25.12 11.47 -8.33
C VAL C 23 26.62 11.49 -8.05
N GLU C 24 26.99 11.70 -6.79
CA GLU C 24 28.40 11.72 -6.41
C GLU C 24 29.04 10.36 -6.64
N LEU C 25 28.42 9.33 -6.06
CA LEU C 25 28.93 7.97 -6.18
C LEU C 25 28.98 7.46 -7.61
N LYS C 26 28.11 7.97 -8.47
CA LYS C 26 28.10 7.54 -9.86
C LYS C 26 29.38 7.98 -10.58
N GLN C 27 30.14 8.86 -9.95
CA GLN C 27 31.38 9.34 -10.55
C GLN C 27 32.52 8.40 -10.17
N HIS C 28 32.26 7.44 -9.31
CA HIS C 28 33.29 6.50 -8.87
C HIS C 28 32.99 5.01 -9.01
N PHE C 29 31.74 4.64 -9.23
CA PHE C 29 31.39 3.23 -9.37
C PHE C 29 30.65 2.95 -10.68
N ASP C 30 31.00 1.84 -11.33
CA ASP C 30 30.41 1.46 -12.62
C ASP C 30 28.91 1.66 -12.62
N GLU C 31 28.30 1.24 -11.53
CA GLU C 31 26.88 1.36 -11.37
C GLU C 31 26.54 1.71 -9.94
N VAL C 32 25.48 2.47 -9.77
CA VAL C 32 24.98 2.82 -8.45
C VAL C 32 23.51 2.51 -8.53
N ASN C 33 23.10 1.46 -7.82
CA ASN C 33 21.72 1.04 -7.81
C ASN C 33 21.15 1.32 -6.43
N ILE C 34 19.83 1.36 -6.32
CA ILE C 34 19.23 1.66 -5.04
C ILE C 34 18.07 0.75 -4.68
N LEU C 35 17.88 0.56 -3.37
CA LEU C 35 16.83 -0.29 -2.83
C LEU C 35 16.33 0.41 -1.55
N PHE C 36 15.02 0.65 -1.45
CA PHE C 36 14.45 1.33 -0.29
C PHE C 36 13.69 0.44 0.68
N SER C 37 13.60 0.87 1.93
CA SER C 37 12.85 0.13 2.93
C SER C 37 11.41 0.58 2.68
N PRO C 38 10.43 -0.27 3.02
CA PRO C 38 9.03 0.14 2.78
C PRO C 38 8.65 1.50 3.37
N SER C 39 9.12 1.79 4.57
CA SER C 39 8.80 3.04 5.26
C SER C 39 9.40 4.29 4.63
N SER C 40 10.53 4.17 3.95
CA SER C 40 11.15 5.36 3.39
C SER C 40 10.32 5.96 2.28
N LYS C 41 9.35 5.20 1.78
CA LYS C 41 8.48 5.68 0.71
C LYS C 41 7.52 6.77 1.20
N ASN C 42 7.46 6.96 2.51
CA ASN C 42 6.61 8.00 3.11
C ASN C 42 7.36 9.34 3.10
N PHE C 43 8.65 9.30 2.80
CA PHE C 43 9.45 10.51 2.78
C PHE C 43 9.71 11.03 1.37
N ILE C 44 9.81 10.13 0.40
CA ILE C 44 10.08 10.53 -0.96
C ILE C 44 9.38 9.67 -1.99
N ASN C 45 9.35 10.18 -3.22
CA ASN C 45 8.77 9.43 -4.32
C ASN C 45 10.00 8.73 -4.88
N THR C 46 10.14 7.45 -4.56
CA THR C 46 11.29 6.65 -4.97
C THR C 46 11.42 6.49 -6.47
N ASP C 47 10.31 6.71 -7.18
CA ASP C 47 10.29 6.58 -8.62
C ASP C 47 11.27 7.54 -9.32
N VAL C 48 11.39 8.75 -8.79
CA VAL C 48 12.26 9.75 -9.39
C VAL C 48 13.74 9.33 -9.37
N LEU C 49 14.12 8.47 -8.43
CA LEU C 49 15.51 8.04 -8.36
C LEU C 49 15.93 7.22 -9.57
N LYS C 50 14.95 6.75 -10.34
CA LYS C 50 15.24 5.98 -11.55
C LYS C 50 15.98 6.86 -12.54
N LEU C 51 15.86 8.17 -12.36
CA LEU C 51 16.51 9.12 -13.24
C LEU C 51 17.97 9.34 -12.89
N PHE C 52 18.39 8.86 -11.73
CA PHE C 52 19.77 9.06 -11.31
C PHE C 52 20.57 7.78 -11.15
N CYS C 53 19.93 6.72 -10.68
CA CYS C 53 20.65 5.48 -10.49
C CYS C 53 20.42 4.57 -11.70
N ASP C 54 21.32 3.60 -11.86
CA ASP C 54 21.23 2.65 -12.96
C ASP C 54 20.02 1.75 -12.83
N ASN C 55 19.77 1.26 -11.63
CA ASN C 55 18.62 0.38 -11.39
C ASN C 55 18.00 0.61 -10.03
N LEU C 56 16.67 0.55 -10.02
CA LEU C 56 15.89 0.70 -8.81
C LEU C 56 15.19 -0.63 -8.53
N TYR C 57 15.50 -1.24 -7.40
CA TYR C 57 14.88 -2.50 -7.02
C TYR C 57 13.63 -2.20 -6.20
N ASP C 58 12.47 -2.56 -6.75
CA ASP C 58 11.17 -2.30 -6.13
C ASP C 58 10.43 -3.60 -5.81
N GLU C 59 10.37 -3.96 -4.52
CA GLU C 59 9.72 -5.20 -4.12
C GLU C 59 8.20 -5.21 -4.29
N ILE C 60 7.62 -4.04 -4.56
CA ILE C 60 6.18 -3.98 -4.78
C ILE C 60 5.91 -4.22 -6.27
N LYS C 61 6.72 -3.61 -7.12
CA LYS C 61 6.60 -3.79 -8.57
C LYS C 61 6.91 -5.27 -8.86
N ASP C 62 7.91 -5.82 -8.18
CA ASP C 62 8.30 -7.22 -8.35
C ASP C 62 8.59 -7.86 -7.00
N PRO C 63 7.59 -8.54 -6.41
CA PRO C 63 7.71 -9.22 -5.11
C PRO C 63 8.64 -10.42 -5.13
N LEU C 64 9.06 -10.86 -6.31
CA LEU C 64 9.93 -12.03 -6.42
C LEU C 64 11.36 -11.74 -6.86
N LEU C 65 11.89 -10.60 -6.42
CA LEU C 65 13.26 -10.23 -6.74
C LEU C 65 14.21 -11.18 -5.99
N ASN C 66 15.17 -11.75 -6.74
CA ASN C 66 16.14 -12.69 -6.21
C ASN C 66 17.22 -11.96 -5.39
N ASN C 67 17.17 -12.05 -4.06
CA ASN C 67 18.15 -11.38 -3.22
C ASN C 67 19.57 -11.88 -3.47
N ILE C 68 19.71 -13.14 -3.87
CA ILE C 68 21.04 -13.72 -4.14
C ILE C 68 21.65 -13.05 -5.36
N ASN C 69 20.84 -12.82 -6.39
CA ASN C 69 21.32 -12.16 -7.60
C ASN C 69 21.71 -10.73 -7.29
N ILE C 70 20.89 -10.06 -6.49
CA ILE C 70 21.18 -8.69 -6.14
C ILE C 70 22.51 -8.59 -5.42
N VAL C 71 22.75 -9.48 -4.47
CA VAL C 71 24.00 -9.44 -3.73
C VAL C 71 25.18 -9.78 -4.62
N GLU C 72 25.03 -10.77 -5.49
CA GLU C 72 26.11 -11.17 -6.39
C GLU C 72 26.46 -10.12 -7.43
N ASN C 73 25.49 -9.29 -7.78
CA ASN C 73 25.68 -8.25 -8.77
C ASN C 73 26.43 -7.04 -8.26
N HIS C 74 26.73 -6.98 -6.97
CA HIS C 74 27.43 -5.81 -6.43
C HIS C 74 28.67 -6.15 -5.62
N GLU C 75 29.64 -5.24 -5.65
CA GLU C 75 30.86 -5.42 -4.88
C GLU C 75 30.73 -4.72 -3.54
N TYR C 76 29.89 -3.69 -3.50
CA TYR C 76 29.68 -2.94 -2.27
C TYR C 76 28.20 -2.73 -2.00
N ILE C 77 27.81 -2.88 -0.74
CA ILE C 77 26.42 -2.65 -0.34
C ILE C 77 26.42 -1.67 0.82
N LEU C 78 25.84 -0.50 0.59
CA LEU C 78 25.80 0.53 1.63
C LEU C 78 24.41 0.73 2.19
N VAL C 79 24.31 0.79 3.52
CA VAL C 79 23.05 1.08 4.16
C VAL C 79 23.25 2.57 4.48
N LEU C 80 22.61 3.41 3.67
CA LEU C 80 22.76 4.86 3.80
C LEU C 80 21.51 5.60 3.33
N PRO C 81 20.82 6.31 4.24
CA PRO C 81 21.17 6.44 5.67
C PRO C 81 20.72 5.14 6.33
N ALA C 82 21.41 4.75 7.40
CA ALA C 82 21.01 3.52 8.10
C ALA C 82 20.24 3.91 9.37
N SER C 83 18.99 3.47 9.45
CA SER C 83 18.15 3.75 10.60
C SER C 83 18.44 2.80 11.75
N ALA C 84 18.08 3.19 12.96
CA ALA C 84 18.31 2.38 14.14
C ALA C 84 17.60 1.05 13.93
N ASN C 85 16.37 1.10 13.42
CA ASN C 85 15.59 -0.09 13.19
C ASN C 85 16.31 -1.10 12.27
N THR C 86 16.75 -0.65 11.10
CA THR C 86 17.41 -1.53 10.15
C THR C 86 18.73 -2.07 10.69
N ILE C 87 19.47 -1.21 11.40
CA ILE C 87 20.72 -1.64 12.00
C ILE C 87 20.45 -2.78 12.97
N ASN C 88 19.43 -2.61 13.81
CA ASN C 88 19.07 -3.63 14.79
C ASN C 88 18.50 -4.90 14.16
N LYS C 89 17.81 -4.75 13.03
CA LYS C 89 17.26 -5.93 12.36
C LYS C 89 18.42 -6.73 11.77
N ILE C 90 19.36 -6.03 11.15
CA ILE C 90 20.51 -6.69 10.56
C ILE C 90 21.30 -7.45 11.61
N ALA C 91 21.54 -6.79 12.76
CA ALA C 91 22.29 -7.40 13.86
C ALA C 91 21.63 -8.68 14.39
N ASN C 92 20.30 -8.74 14.32
CA ASN C 92 19.61 -9.93 14.80
C ASN C 92 19.25 -10.89 13.69
N GLY C 93 19.70 -10.59 12.48
CA GLY C 93 19.42 -11.46 11.36
C GLY C 93 17.99 -11.43 10.89
N ILE C 94 17.27 -10.39 11.30
CA ILE C 94 15.88 -10.28 10.89
C ILE C 94 15.82 -9.68 9.49
N CYS C 95 15.06 -10.34 8.61
CA CYS C 95 14.93 -9.87 7.24
C CYS C 95 13.51 -10.06 6.72
N ASP C 96 12.61 -9.17 7.18
CA ASP C 96 11.22 -9.24 6.78
C ASP C 96 10.82 -8.30 5.63
N ASN C 97 11.82 -7.80 4.92
CA ASN C 97 11.58 -7.00 3.72
C ASN C 97 12.80 -7.24 2.82
N LEU C 98 12.70 -6.83 1.56
CA LEU C 98 13.79 -7.05 0.62
C LEU C 98 15.13 -6.44 1.06
N LEU C 99 15.11 -5.20 1.54
CA LEU C 99 16.33 -4.53 1.96
C LEU C 99 17.07 -5.35 3.02
N THR C 100 16.40 -5.71 4.11
CA THR C 100 17.06 -6.47 5.17
C THR C 100 17.44 -7.88 4.71
N THR C 101 16.70 -8.43 3.78
CA THR C 101 17.03 -9.76 3.28
C THR C 101 18.34 -9.66 2.51
N VAL C 102 18.48 -8.60 1.72
CA VAL C 102 19.71 -8.38 0.96
C VAL C 102 20.88 -8.17 1.91
N CYS C 103 20.66 -7.44 3.00
CA CYS C 103 21.72 -7.19 3.96
C CYS C 103 22.16 -8.46 4.69
N LEU C 104 21.24 -9.39 4.92
CA LEU C 104 21.60 -10.63 5.58
C LEU C 104 22.43 -11.47 4.63
N THR C 105 21.99 -11.51 3.37
CA THR C 105 22.68 -12.28 2.35
C THR C 105 24.05 -11.71 2.01
N GLY C 106 24.15 -10.39 2.01
CA GLY C 106 25.42 -9.77 1.67
C GLY C 106 26.19 -9.15 2.83
N TYR C 107 26.09 -9.74 4.01
CA TYR C 107 26.80 -9.22 5.18
C TYR C 107 28.30 -9.01 4.94
N GLN C 108 28.88 -9.79 4.04
CA GLN C 108 30.31 -9.68 3.75
C GLN C 108 30.70 -8.44 2.93
N LYS C 109 29.74 -7.78 2.31
CA LYS C 109 30.00 -6.58 1.50
C LYS C 109 29.28 -5.38 2.09
N LEU C 110 28.81 -5.52 3.32
CA LEU C 110 28.03 -4.50 3.97
C LEU C 110 28.78 -3.34 4.65
N PHE C 111 28.35 -2.11 4.33
CA PHE C 111 28.92 -0.91 4.93
C PHE C 111 27.74 -0.11 5.48
N ILE C 112 27.69 0.07 6.80
CA ILE C 112 26.60 0.77 7.45
C ILE C 112 26.91 2.19 7.91
N PHE C 113 26.10 3.15 7.47
CA PHE C 113 26.28 4.55 7.88
C PHE C 113 25.09 5.01 8.71
N PRO C 114 25.18 4.88 10.04
CA PRO C 114 24.11 5.28 10.95
C PRO C 114 23.71 6.74 10.90
N ASN C 115 22.40 7.00 10.98
CA ASN C 115 21.89 8.35 11.03
C ASN C 115 20.62 8.37 11.87
N MET C 116 20.63 9.20 12.92
CA MET C 116 19.50 9.28 13.84
C MET C 116 19.85 10.32 14.88
N ASN C 117 18.88 10.65 15.72
CA ASN C 117 19.09 11.61 16.79
C ASN C 117 20.09 11.03 17.77
N ILE C 118 20.89 11.90 18.37
CA ILE C 118 21.89 11.48 19.34
C ILE C 118 21.20 10.72 20.49
N ARG C 119 19.97 11.10 20.81
CA ARG C 119 19.24 10.42 21.87
C ARG C 119 18.97 8.96 21.51
N MET C 120 18.58 8.72 20.26
CA MET C 120 18.32 7.37 19.80
C MET C 120 19.64 6.62 19.79
N TRP C 121 20.69 7.30 19.36
CA TRP C 121 22.03 6.74 19.29
C TRP C 121 22.50 6.18 20.63
N GLY C 122 22.00 6.77 21.72
CA GLY C 122 22.38 6.31 23.05
C GLY C 122 21.66 5.07 23.54
N ASN C 123 20.68 4.59 22.79
CA ASN C 123 19.93 3.40 23.19
C ASN C 123 20.86 2.23 23.44
N PRO C 124 20.76 1.60 24.63
CA PRO C 124 21.60 0.47 25.03
C PRO C 124 21.55 -0.71 24.05
N PHE C 125 20.33 -1.08 23.67
CA PHE C 125 20.10 -2.19 22.77
C PHE C 125 20.69 -1.92 21.38
N LEU C 126 20.56 -0.69 20.91
CA LEU C 126 21.12 -0.33 19.64
C LEU C 126 22.63 -0.54 19.73
N GLN C 127 23.25 0.02 20.77
CA GLN C 127 24.69 -0.08 20.95
C GLN C 127 25.21 -1.51 21.07
N LYS C 128 24.47 -2.39 21.73
CA LYS C 128 24.93 -3.77 21.84
C LYS C 128 24.97 -4.41 20.47
N ASN C 129 23.99 -4.06 19.63
CA ASN C 129 23.89 -4.58 18.27
C ASN C 129 25.02 -4.04 17.38
N ILE C 130 25.39 -2.78 17.60
CA ILE C 130 26.47 -2.18 16.83
C ILE C 130 27.80 -2.87 17.14
N ASP C 131 27.97 -3.31 18.38
CA ASP C 131 29.19 -4.00 18.78
C ASP C 131 29.18 -5.38 18.13
N LEU C 132 28.01 -6.03 18.21
CA LEU C 132 27.84 -7.36 17.64
C LEU C 132 28.14 -7.32 16.14
N LEU C 133 27.67 -6.26 15.46
CA LEU C 133 27.91 -6.12 14.03
C LEU C 133 29.41 -5.98 13.75
N LYS C 134 30.06 -5.09 14.49
CA LYS C 134 31.49 -4.86 14.32
C LYS C 134 32.32 -6.10 14.65
N ASN C 135 31.95 -6.80 15.71
CA ASN C 135 32.68 -7.99 16.10
C ASN C 135 32.46 -9.16 15.15
N ASN C 136 31.62 -8.96 14.14
CA ASN C 136 31.36 -10.01 13.18
C ASN C 136 31.65 -9.55 11.77
N ASP C 137 32.62 -8.64 11.67
CA ASP C 137 33.09 -8.09 10.41
C ASP C 137 32.14 -7.32 9.51
N VAL C 138 31.14 -6.69 10.11
CA VAL C 138 30.24 -5.86 9.33
C VAL C 138 30.77 -4.47 9.62
N LYS C 139 31.11 -3.74 8.57
CA LYS C 139 31.66 -2.41 8.70
C LYS C 139 30.60 -1.38 9.08
N VAL C 140 30.78 -0.78 10.26
CA VAL C 140 29.86 0.23 10.75
C VAL C 140 30.62 1.53 10.95
N TYR C 141 30.29 2.53 10.15
CA TYR C 141 30.92 3.85 10.24
C TYR C 141 30.54 4.53 11.55
N SER C 142 31.47 5.31 12.10
CA SER C 142 31.19 6.04 13.34
C SER C 142 30.57 7.38 12.99
N PRO C 143 29.30 7.57 13.35
CA PRO C 143 28.57 8.81 13.06
C PRO C 143 29.37 10.09 13.36
N ASP C 144 29.24 11.06 12.48
CA ASP C 144 29.91 12.34 12.66
C ASP C 144 29.01 13.25 13.49
N MET C 145 29.62 14.10 14.32
CA MET C 145 28.90 15.06 15.14
C MET C 145 29.18 16.44 14.56
N ASN C 146 28.16 17.28 14.44
CA ASN C 146 28.35 18.61 13.88
C ASN C 146 27.06 19.39 13.88
N LYS C 147 27.06 20.53 13.19
CA LYS C 147 25.85 21.36 13.11
C LYS C 147 24.82 20.68 12.22
N SER C 148 23.67 20.40 12.82
CA SER C 148 22.58 19.75 12.11
C SER C 148 21.32 20.57 12.32
N PHE C 149 20.49 20.66 11.29
CA PHE C 149 19.24 21.40 11.43
C PHE C 149 18.21 20.47 12.05
N GLU C 150 17.76 20.84 13.24
CA GLU C 150 16.79 20.05 13.99
C GLU C 150 15.36 20.45 13.65
N ILE C 151 14.71 19.67 12.79
CA ILE C 151 13.34 19.98 12.37
C ILE C 151 12.40 20.23 13.54
N SER C 152 12.64 19.57 14.67
CA SER C 152 11.82 19.71 15.87
C SER C 152 11.75 21.14 16.40
N SER C 153 12.90 21.75 16.63
CA SER C 153 12.96 23.11 17.15
C SER C 153 13.43 24.15 16.13
N GLY C 154 13.74 23.71 14.92
CA GLY C 154 14.20 24.63 13.89
C GLY C 154 15.54 25.26 14.22
N ARG C 155 16.21 24.74 15.23
CA ARG C 155 17.51 25.24 15.65
C ARG C 155 18.67 24.45 15.03
N TYR C 156 19.80 25.12 14.86
CA TYR C 156 20.99 24.46 14.32
C TYR C 156 21.84 24.02 15.52
N LYS C 157 21.44 22.91 16.13
CA LYS C 157 22.17 22.38 17.27
C LYS C 157 23.20 21.37 16.78
N ASN C 158 23.99 20.87 17.72
CA ASN C 158 24.99 19.86 17.44
C ASN C 158 24.34 18.50 17.59
N ASN C 159 24.55 17.63 16.60
CA ASN C 159 23.96 16.30 16.64
C ASN C 159 24.66 15.45 15.59
N ILE C 160 24.19 14.22 15.42
CA ILE C 160 24.76 13.33 14.42
C ILE C 160 24.44 13.92 13.05
N THR C 161 25.43 13.90 12.16
CA THR C 161 25.24 14.43 10.80
C THR C 161 25.55 13.37 9.76
N MET C 162 25.08 13.60 8.54
CA MET C 162 25.32 12.69 7.43
C MET C 162 26.80 12.75 7.02
N PRO C 163 27.36 11.63 6.56
CA PRO C 163 28.77 11.61 6.14
C PRO C 163 28.98 12.29 4.80
N ASN C 164 30.06 13.07 4.66
CA ASN C 164 30.31 13.69 3.36
C ASN C 164 30.87 12.60 2.44
N ILE C 165 30.89 12.88 1.15
CA ILE C 165 31.35 11.88 0.19
C ILE C 165 32.78 11.38 0.39
N GLU C 166 33.72 12.26 0.74
CA GLU C 166 35.10 11.82 0.95
C GLU C 166 35.15 10.70 1.99
N ASN C 167 34.45 10.92 3.10
CA ASN C 167 34.40 9.94 4.18
C ASN C 167 33.71 8.65 3.76
N VAL C 168 32.66 8.76 2.95
CA VAL C 168 31.96 7.58 2.50
C VAL C 168 32.95 6.77 1.66
N LEU C 169 33.53 7.42 0.66
CA LEU C 169 34.48 6.76 -0.22
C LEU C 169 35.63 6.13 0.54
N ASN C 170 36.23 6.88 1.45
CA ASN C 170 37.35 6.37 2.20
C ASN C 170 37.00 5.18 3.10
N PHE C 171 35.80 5.21 3.67
CA PHE C 171 35.37 4.12 4.55
C PHE C 171 35.07 2.85 3.75
N VAL C 172 34.54 3.02 2.55
CA VAL C 172 34.18 1.90 1.68
C VAL C 172 35.38 1.33 0.92
N LEU C 173 36.22 2.19 0.39
CA LEU C 173 37.37 1.75 -0.39
C LEU C 173 38.63 1.39 0.41
N ASN C 174 38.76 1.87 1.64
CA ASN C 174 39.92 1.59 2.46
C ASN C 174 39.62 0.60 3.59
N ASP D 1 23.27 19.76 3.73
CA ASP D 1 22.78 20.08 5.10
C ASP D 1 22.13 18.84 5.72
N SER D 2 22.66 18.38 6.86
CA SER D 2 22.13 17.21 7.56
C SER D 2 20.92 17.59 8.38
N TYR D 3 20.03 16.62 8.61
CA TYR D 3 18.83 16.85 9.39
C TYR D 3 18.78 15.94 10.59
N THR D 4 17.95 16.33 11.56
CA THR D 4 17.77 15.60 12.80
C THR D 4 16.35 15.90 13.29
N CYS D 5 15.69 14.90 13.87
CA CYS D 5 14.34 15.10 14.37
C CYS D 5 14.27 16.09 15.53
N MET E 1 -28.36 -21.77 35.86
CA MET E 1 -28.32 -21.48 34.38
C MET E 1 -29.72 -21.37 33.79
N TYR E 2 -30.07 -20.18 33.31
CA TYR E 2 -31.38 -19.97 32.71
C TYR E 2 -31.26 -20.15 31.20
N GLY E 3 -32.34 -19.84 30.48
CA GLY E 3 -32.32 -19.99 29.03
C GLY E 3 -31.40 -19.05 28.28
N LYS E 4 -31.37 -19.21 26.96
CA LYS E 4 -30.53 -18.40 26.09
C LYS E 4 -30.95 -16.94 26.16
N LEU E 5 -29.95 -16.05 26.21
CA LEU E 5 -30.21 -14.63 26.29
C LEU E 5 -29.56 -13.86 25.14
N LEU E 6 -30.27 -12.87 24.63
CA LEU E 6 -29.75 -12.06 23.54
C LEU E 6 -29.57 -10.61 23.96
N ILE E 7 -28.40 -10.07 23.66
CA ILE E 7 -28.13 -8.67 23.95
C ILE E 7 -28.24 -7.86 22.66
N CYS E 8 -29.09 -6.84 22.69
CA CYS E 8 -29.25 -5.94 21.55
C CYS E 8 -28.57 -4.66 22.00
N ALA E 9 -27.34 -4.48 21.56
CA ALA E 9 -26.53 -3.32 21.92
C ALA E 9 -26.67 -2.17 20.92
N THR E 10 -26.91 -0.97 21.45
CA THR E 10 -27.06 0.21 20.59
C THR E 10 -25.93 1.23 20.78
N ALA E 11 -25.95 2.28 19.96
CA ALA E 11 -24.90 3.30 19.95
C ALA E 11 -24.78 4.28 21.10
N SER E 12 -24.58 3.76 22.30
CA SER E 12 -24.37 4.57 23.47
C SER E 12 -22.86 4.50 23.70
N ILE E 13 -22.27 5.57 24.21
CA ILE E 13 -20.84 5.58 24.46
C ILE E 13 -20.44 4.38 25.33
N ASN E 14 -21.37 3.90 26.14
CA ASN E 14 -21.09 2.76 27.01
C ASN E 14 -21.05 1.39 26.34
N VAL E 15 -21.37 1.34 25.06
CA VAL E 15 -21.34 0.07 24.35
C VAL E 15 -19.90 -0.44 24.32
N ILE E 16 -18.93 0.45 24.53
CA ILE E 16 -17.52 0.03 24.48
C ILE E 16 -17.16 -0.92 25.60
N ASN E 17 -18.00 -1.00 26.64
CA ASN E 17 -17.74 -1.89 27.77
C ASN E 17 -18.73 -3.04 27.80
N ILE E 18 -19.37 -3.31 26.67
CA ILE E 18 -20.35 -4.37 26.61
C ILE E 18 -19.76 -5.73 26.94
N ASN E 19 -18.45 -5.90 26.72
CA ASN E 19 -17.82 -7.19 27.01
C ASN E 19 -17.92 -7.56 28.49
N HIS E 20 -17.90 -6.58 29.38
CA HIS E 20 -18.00 -6.89 30.80
C HIS E 20 -19.33 -7.57 31.11
N TYR E 21 -20.38 -7.13 30.45
CA TYR E 21 -21.71 -7.71 30.65
C TYR E 21 -21.81 -9.12 30.07
N ILE E 22 -21.25 -9.31 28.89
CA ILE E 22 -21.29 -10.62 28.24
C ILE E 22 -20.68 -11.68 29.16
N VAL E 23 -19.48 -11.39 29.66
CA VAL E 23 -18.77 -12.32 30.55
C VAL E 23 -19.56 -12.59 31.83
N GLU E 24 -20.14 -11.54 32.42
CA GLU E 24 -20.92 -11.70 33.64
C GLU E 24 -22.15 -12.55 33.40
N LEU E 25 -22.94 -12.16 32.41
CA LEU E 25 -24.17 -12.86 32.06
C LEU E 25 -23.93 -14.31 31.63
N LYS E 26 -22.76 -14.59 31.06
CA LYS E 26 -22.45 -15.94 30.63
C LYS E 26 -22.35 -16.90 31.82
N GLN E 27 -22.30 -16.35 33.02
CA GLN E 27 -22.21 -17.15 34.24
C GLN E 27 -23.61 -17.54 34.71
N HIS E 28 -24.64 -16.99 34.07
CA HIS E 28 -26.01 -17.28 34.46
C HIS E 28 -26.95 -17.76 33.36
N PHE E 29 -26.57 -17.61 32.10
CA PHE E 29 -27.44 -18.04 31.01
C PHE E 29 -26.74 -19.00 30.07
N ASP E 30 -27.46 -20.05 29.65
CA ASP E 30 -26.91 -21.08 28.77
C ASP E 30 -26.10 -20.49 27.64
N GLU E 31 -26.65 -19.44 27.06
CA GLU E 31 -26.00 -18.74 25.97
C GLU E 31 -26.23 -17.25 26.10
N VAL E 32 -25.24 -16.48 25.68
CA VAL E 32 -25.36 -15.03 25.64
C VAL E 32 -24.91 -14.67 24.25
N ASN E 33 -25.87 -14.23 23.43
CA ASN E 33 -25.58 -13.86 22.06
C ASN E 33 -25.73 -12.36 21.93
N ILE E 34 -25.15 -11.78 20.88
CA ILE E 34 -25.24 -10.34 20.74
C ILE E 34 -25.56 -9.88 19.32
N LEU E 35 -26.24 -8.74 19.24
CA LEU E 35 -26.67 -8.14 17.99
C LEU E 35 -26.49 -6.63 18.14
N PHE E 36 -25.76 -5.99 17.23
CA PHE E 36 -25.51 -4.55 17.29
C PHE E 36 -26.33 -3.72 16.31
N SER E 37 -26.50 -2.44 16.64
CA SER E 37 -27.20 -1.52 15.75
C SER E 37 -26.10 -1.08 14.78
N PRO E 38 -26.46 -0.69 13.56
CA PRO E 38 -25.44 -0.27 12.59
C PRO E 38 -24.47 0.80 13.12
N SER E 39 -25.02 1.79 13.80
CA SER E 39 -24.23 2.90 14.35
C SER E 39 -23.24 2.54 15.45
N SER E 40 -23.53 1.51 16.23
CA SER E 40 -22.63 1.14 17.31
C SER E 40 -21.28 0.66 16.80
N LYS E 41 -21.22 0.31 15.52
CA LYS E 41 -19.97 -0.17 14.93
C LYS E 41 -18.93 0.94 14.81
N ASN E 42 -19.36 2.18 15.05
CA ASN E 42 -18.46 3.33 15.01
C ASN E 42 -17.75 3.47 16.37
N PHE E 43 -18.22 2.72 17.36
CA PHE E 43 -17.64 2.78 18.71
C PHE E 43 -16.73 1.62 19.02
N ILE E 44 -17.03 0.46 18.46
CA ILE E 44 -16.21 -0.73 18.72
C ILE E 44 -16.08 -1.67 17.54
N ASN E 45 -15.10 -2.54 17.61
CA ASN E 45 -14.90 -3.55 16.59
C ASN E 45 -15.76 -4.71 17.13
N THR E 46 -16.95 -4.88 16.57
CA THR E 46 -17.88 -5.91 17.03
C THR E 46 -17.35 -7.33 16.83
N ASP E 47 -16.37 -7.45 15.95
CA ASP E 47 -15.79 -8.75 15.65
C ASP E 47 -15.18 -9.42 16.89
N VAL E 48 -14.53 -8.63 17.73
CA VAL E 48 -13.90 -9.16 18.91
C VAL E 48 -14.89 -9.79 19.91
N LEU E 49 -16.15 -9.37 19.89
CA LEU E 49 -17.12 -9.94 20.80
C LEU E 49 -17.38 -11.43 20.52
N LYS E 50 -16.98 -11.90 19.35
CA LYS E 50 -17.15 -13.31 18.98
C LYS E 50 -16.35 -14.19 19.94
N LEU E 51 -15.37 -13.57 20.59
CA LEU E 51 -14.51 -14.29 21.53
C LEU E 51 -15.14 -14.43 22.92
N PHE E 52 -16.25 -13.73 23.15
CA PHE E 52 -16.90 -13.78 24.45
C PHE E 52 -18.32 -14.33 24.40
N CYS E 53 -19.06 -13.99 23.37
CA CYS E 53 -20.42 -14.45 23.28
C CYS E 53 -20.48 -15.73 22.44
N ASP E 54 -21.57 -16.47 22.60
CA ASP E 54 -21.76 -17.72 21.86
C ASP E 54 -21.97 -17.45 20.37
N ASN E 55 -22.78 -16.46 20.07
CA ASN E 55 -23.05 -16.11 18.67
C ASN E 55 -23.20 -14.62 18.48
N LEU E 56 -22.67 -14.15 17.35
CA LEU E 56 -22.76 -12.76 16.95
C LEU E 56 -23.61 -12.68 15.68
N TYR E 57 -24.74 -11.99 15.76
CA TYR E 57 -25.60 -11.83 14.60
C TYR E 57 -25.15 -10.57 13.85
N ASP E 58 -24.68 -10.76 12.62
CA ASP E 58 -24.18 -9.67 11.79
C ASP E 58 -25.01 -9.54 10.51
N GLU E 59 -25.85 -8.52 10.44
CA GLU E 59 -26.71 -8.31 9.28
C GLU E 59 -25.96 -7.92 8.01
N ILE E 60 -24.69 -7.57 8.13
CA ILE E 60 -23.89 -7.23 6.96
C ILE E 60 -23.28 -8.51 6.39
N LYS E 61 -22.79 -9.36 7.27
CA LYS E 61 -22.22 -10.64 6.86
C LYS E 61 -23.35 -11.46 6.25
N ASP E 62 -24.52 -11.42 6.88
CA ASP E 62 -25.69 -12.14 6.38
C ASP E 62 -26.94 -11.25 6.44
N PRO E 63 -27.28 -10.61 5.31
CA PRO E 63 -28.44 -9.72 5.22
C PRO E 63 -29.78 -10.44 5.31
N LEU E 64 -29.76 -11.77 5.26
CA LEU E 64 -31.00 -12.52 5.32
C LEU E 64 -31.22 -13.33 6.59
N LEU E 65 -30.77 -12.80 7.72
CA LEU E 65 -30.95 -13.44 9.01
C LEU E 65 -32.45 -13.42 9.35
N ASN E 66 -32.98 -14.57 9.73
CA ASN E 66 -34.40 -14.73 10.07
C ASN E 66 -34.69 -14.19 11.47
N ASN E 67 -35.33 -13.02 11.56
CA ASN E 67 -35.64 -12.44 12.87
C ASN E 67 -36.54 -13.32 13.72
N ILE E 68 -37.40 -14.11 13.07
CA ILE E 68 -38.30 -14.99 13.81
C ILE E 68 -37.48 -16.07 14.52
N ASN E 69 -36.48 -16.61 13.82
CA ASN E 69 -35.64 -17.64 14.40
C ASN E 69 -34.86 -17.08 15.58
N ILE E 70 -34.34 -15.86 15.41
CA ILE E 70 -33.58 -15.22 16.44
C ILE E 70 -34.41 -15.03 17.69
N VAL E 71 -35.64 -14.56 17.52
CA VAL E 71 -36.51 -14.34 18.67
C VAL E 71 -36.90 -15.68 19.34
N GLU E 72 -37.18 -16.69 18.53
CA GLU E 72 -37.56 -18.00 19.07
C GLU E 72 -36.43 -18.70 19.78
N ASN E 73 -35.19 -18.39 19.41
CA ASN E 73 -34.03 -19.02 20.00
C ASN E 73 -33.64 -18.45 21.36
N HIS E 74 -34.33 -17.41 21.82
CA HIS E 74 -33.99 -16.83 23.11
C HIS E 74 -35.17 -16.67 24.06
N GLU E 75 -34.90 -16.76 25.36
CA GLU E 75 -35.93 -16.59 26.37
C GLU E 75 -35.96 -15.16 26.84
N TYR E 76 -34.82 -14.47 26.71
CA TYR E 76 -34.72 -13.08 27.12
C TYR E 76 -34.00 -12.27 26.07
N ILE E 77 -34.49 -11.05 25.85
CA ILE E 77 -33.88 -10.13 24.90
C ILE E 77 -33.66 -8.81 25.62
N LEU E 78 -32.38 -8.42 25.76
CA LEU E 78 -32.04 -7.18 26.43
C LEU E 78 -31.53 -6.11 25.50
N VAL E 79 -32.07 -4.91 25.62
CA VAL E 79 -31.57 -3.80 24.82
C VAL E 79 -30.65 -3.13 25.84
N LEU E 80 -29.35 -3.35 25.68
CA LEU E 80 -28.35 -2.85 26.62
C LEU E 80 -27.00 -2.56 25.95
N PRO E 81 -26.57 -1.28 25.92
CA PRO E 81 -27.28 -0.11 26.45
C PRO E 81 -28.39 0.23 25.46
N ALA E 82 -29.48 0.80 25.94
CA ALA E 82 -30.58 1.17 25.05
C ALA E 82 -30.52 2.67 24.80
N SER E 83 -30.34 3.06 23.53
CA SER E 83 -30.27 4.45 23.16
C SER E 83 -31.67 5.07 23.05
N ALA E 84 -31.74 6.39 23.14
CA ALA E 84 -33.01 7.07 23.03
C ALA E 84 -33.63 6.72 21.67
N ASN E 85 -32.81 6.74 20.62
CA ASN E 85 -33.27 6.43 19.28
C ASN E 85 -33.95 5.06 19.18
N THR E 86 -33.25 4.01 19.59
CA THR E 86 -33.80 2.66 19.52
C THR E 86 -35.05 2.53 20.40
N ILE E 87 -35.03 3.16 21.58
CA ILE E 87 -36.20 3.08 22.45
C ILE E 87 -37.40 3.66 21.72
N ASN E 88 -37.21 4.84 21.12
CA ASN E 88 -38.28 5.49 20.39
C ASN E 88 -38.71 4.75 19.13
N LYS E 89 -37.77 4.06 18.48
CA LYS E 89 -38.14 3.31 17.30
C LYS E 89 -39.01 2.13 17.71
N ILE E 90 -38.61 1.45 18.77
CA ILE E 90 -39.36 0.30 19.26
C ILE E 90 -40.77 0.73 19.64
N ALA E 91 -40.87 1.86 20.35
CA ALA E 91 -42.17 2.35 20.79
C ALA E 91 -43.10 2.64 19.62
N ASN E 92 -42.54 3.05 18.48
CA ASN E 92 -43.37 3.36 17.33
C ASN E 92 -43.45 2.21 16.33
N GLY E 93 -42.89 1.07 16.70
CA GLY E 93 -42.94 -0.08 15.81
C GLY E 93 -42.04 0.03 14.59
N ILE E 94 -41.10 0.97 14.63
CA ILE E 94 -40.18 1.13 13.52
C ILE E 94 -39.06 0.12 13.61
N CYS E 95 -38.83 -0.58 12.52
CA CYS E 95 -37.80 -1.60 12.48
C CYS E 95 -37.07 -1.60 11.15
N ASP E 96 -36.22 -0.60 10.95
CA ASP E 96 -35.45 -0.48 9.72
C ASP E 96 -34.03 -1.06 9.77
N ASN E 97 -33.76 -1.89 10.77
CA ASN E 97 -32.49 -2.61 10.87
C ASN E 97 -32.80 -3.91 11.61
N LEU E 98 -31.86 -4.86 11.59
CA LEU E 98 -32.10 -6.13 12.24
C LEU E 98 -32.43 -6.04 13.72
N LEU E 99 -31.69 -5.21 14.45
CA LEU E 99 -31.91 -5.07 15.88
C LEU E 99 -33.35 -4.66 16.19
N THR E 100 -33.82 -3.59 15.57
CA THR E 100 -35.17 -3.13 15.86
C THR E 100 -36.22 -4.11 15.35
N THR E 101 -35.90 -4.85 14.28
CA THR E 101 -36.84 -5.82 13.75
C THR E 101 -36.99 -6.94 14.77
N VAL E 102 -35.88 -7.33 15.36
CA VAL E 102 -35.90 -8.37 16.39
C VAL E 102 -36.70 -7.89 17.60
N CYS E 103 -36.54 -6.62 17.95
CA CYS E 103 -37.27 -6.06 19.09
C CYS E 103 -38.77 -5.97 18.85
N LEU E 104 -39.18 -5.73 17.61
CA LEU E 104 -40.60 -5.67 17.31
C LEU E 104 -41.19 -7.08 17.39
N THR E 105 -40.47 -8.04 16.83
CA THR E 105 -40.91 -9.43 16.84
C THR E 105 -40.93 -10.03 18.24
N GLY E 106 -39.96 -9.67 19.07
CA GLY E 106 -39.90 -10.23 20.41
C GLY E 106 -40.27 -9.29 21.54
N TYR E 107 -41.22 -8.40 21.30
CA TYR E 107 -41.63 -7.45 22.33
C TYR E 107 -41.99 -8.13 23.64
N GLN E 108 -42.50 -9.36 23.57
CA GLN E 108 -42.90 -10.09 24.77
C GLN E 108 -41.75 -10.58 25.66
N LYS E 109 -40.53 -10.58 25.15
CA LYS E 109 -39.35 -11.03 25.91
C LYS E 109 -38.36 -9.88 26.04
N LEU E 110 -38.84 -8.67 25.78
CA LEU E 110 -38.00 -7.49 25.79
C LEU E 110 -37.75 -6.80 27.13
N PHE E 111 -36.48 -6.54 27.42
CA PHE E 111 -36.06 -5.83 28.63
C PHE E 111 -35.15 -4.69 28.18
N ILE E 112 -35.59 -3.45 28.42
CA ILE E 112 -34.86 -2.27 28.00
C ILE E 112 -34.13 -1.52 29.11
N PHE E 113 -32.82 -1.32 28.94
CA PHE E 113 -32.00 -0.60 29.92
C PHE E 113 -31.50 0.72 29.33
N PRO E 114 -32.27 1.80 29.49
CA PRO E 114 -31.91 3.11 28.96
C PRO E 114 -30.57 3.67 29.43
N ASN E 115 -29.84 4.28 28.51
CA ASN E 115 -28.58 4.94 28.84
C ASN E 115 -28.41 6.13 27.91
N MET E 116 -28.23 7.30 28.52
CA MET E 116 -28.08 8.54 27.78
C MET E 116 -27.92 9.68 28.78
N ASN E 117 -27.59 10.85 28.29
CA ASN E 117 -27.43 12.02 29.13
C ASN E 117 -28.78 12.34 29.76
N ILE E 118 -28.74 12.84 30.98
CA ILE E 118 -29.95 13.21 31.69
C ILE E 118 -30.75 14.23 30.85
N ARG E 119 -30.04 15.09 30.11
CA ARG E 119 -30.75 16.07 29.29
C ARG E 119 -31.57 15.39 28.20
N MET E 120 -31.02 14.35 27.58
CA MET E 120 -31.74 13.62 26.54
C MET E 120 -32.90 12.90 27.19
N TRP E 121 -32.66 12.36 28.38
CA TRP E 121 -33.66 11.64 29.15
C TRP E 121 -34.91 12.48 29.42
N GLY E 122 -34.74 13.80 29.48
CA GLY E 122 -35.86 14.66 29.75
C GLY E 122 -36.71 14.99 28.53
N ASN E 123 -36.30 14.53 27.36
CA ASN E 123 -37.07 14.80 26.14
C ASN E 123 -38.52 14.31 26.29
N PRO E 124 -39.50 15.19 26.03
CA PRO E 124 -40.93 14.89 26.13
C PRO E 124 -41.37 13.68 25.32
N PHE E 125 -40.94 13.66 24.06
CA PHE E 125 -41.29 12.59 23.12
C PHE E 125 -40.70 11.27 23.56
N LEU E 126 -39.48 11.29 24.08
CA LEU E 126 -38.87 10.05 24.56
C LEU E 126 -39.73 9.52 25.71
N GLN E 127 -40.05 10.41 26.66
CA GLN E 127 -40.85 10.00 27.81
C GLN E 127 -42.24 9.47 27.47
N LYS E 128 -42.89 10.04 26.46
CA LYS E 128 -44.21 9.54 26.09
C LYS E 128 -44.08 8.12 25.56
N ASN E 129 -42.99 7.85 24.84
CA ASN E 129 -42.75 6.53 24.28
C ASN E 129 -42.42 5.52 25.39
N ILE E 130 -41.74 5.99 26.43
CA ILE E 130 -41.39 5.09 27.53
C ILE E 130 -42.67 4.67 28.28
N ASP E 131 -43.62 5.58 28.39
CA ASP E 131 -44.88 5.26 29.05
C ASP E 131 -45.64 4.28 28.18
N LEU E 132 -45.66 4.55 26.88
CA LEU E 132 -46.34 3.69 25.92
C LEU E 132 -45.76 2.28 25.96
N LEU E 133 -44.44 2.18 26.07
CA LEU E 133 -43.80 0.88 26.13
C LEU E 133 -44.22 0.14 27.40
N LYS E 134 -44.15 0.83 28.53
CA LYS E 134 -44.54 0.24 29.81
C LYS E 134 -46.01 -0.15 29.85
N ASN E 135 -46.87 0.69 29.29
CA ASN E 135 -48.30 0.40 29.28
C ASN E 135 -48.66 -0.72 28.33
N ASN E 136 -47.67 -1.25 27.63
CA ASN E 136 -47.92 -2.34 26.69
C ASN E 136 -47.05 -3.53 27.00
N ASP E 137 -46.74 -3.67 28.27
CA ASP E 137 -45.95 -4.78 28.78
C ASP E 137 -44.53 -4.97 28.31
N VAL E 138 -43.86 -3.88 27.96
CA VAL E 138 -42.46 -4.00 27.57
C VAL E 138 -41.76 -3.51 28.82
N LYS E 139 -40.87 -4.32 29.35
CA LYS E 139 -40.14 -3.99 30.56
C LYS E 139 -39.06 -2.94 30.33
N VAL E 140 -39.22 -1.78 30.96
CA VAL E 140 -38.24 -0.71 30.83
C VAL E 140 -37.66 -0.39 32.20
N TYR E 141 -36.38 -0.67 32.37
CA TYR E 141 -35.68 -0.40 33.63
C TYR E 141 -35.59 1.10 33.89
N SER E 142 -35.65 1.51 35.15
CA SER E 142 -35.53 2.92 35.49
C SER E 142 -34.07 3.22 35.67
N PRO E 143 -33.50 4.09 34.81
CA PRO E 143 -32.10 4.48 34.85
C PRO E 143 -31.61 4.87 36.24
N ASP E 144 -30.40 4.42 36.58
CA ASP E 144 -29.80 4.75 37.86
C ASP E 144 -29.08 6.09 37.72
N MET E 145 -29.04 6.85 38.81
CA MET E 145 -28.36 8.14 38.85
C MET E 145 -27.15 7.95 39.75
N ASN E 146 -25.99 8.47 39.35
CA ASN E 146 -24.80 8.33 40.17
C ASN E 146 -23.61 9.04 39.54
N LYS E 147 -22.41 8.79 40.06
CA LYS E 147 -21.21 9.42 39.53
C LYS E 147 -20.80 8.83 38.19
N SER E 148 -20.48 9.71 37.25
CA SER E 148 -20.12 9.33 35.89
C SER E 148 -18.95 10.13 35.27
N PHE E 149 -18.21 9.50 34.36
CA PHE E 149 -17.10 10.18 33.68
C PHE E 149 -17.65 10.92 32.46
N GLU E 150 -17.51 12.24 32.48
CA GLU E 150 -17.98 13.11 31.40
C GLU E 150 -16.85 13.25 30.39
N ILE E 151 -17.00 12.64 29.22
CA ILE E 151 -15.94 12.69 28.22
C ILE E 151 -15.46 14.09 27.81
N SER E 152 -16.36 15.06 27.75
CA SER E 152 -15.98 16.41 27.35
C SER E 152 -14.98 17.07 28.31
N SER E 153 -15.17 16.88 29.61
CA SER E 153 -14.28 17.49 30.61
C SER E 153 -13.27 16.54 31.24
N GLY E 154 -13.54 15.24 31.21
CA GLY E 154 -12.63 14.28 31.79
C GLY E 154 -12.72 14.23 33.31
N ARG E 155 -13.79 14.81 33.85
CA ARG E 155 -14.02 14.84 35.30
C ARG E 155 -15.34 14.11 35.60
N TYR E 156 -15.56 13.73 36.86
CA TYR E 156 -16.78 13.01 37.24
C TYR E 156 -17.95 13.88 37.70
N LYS E 157 -19.17 13.53 37.32
CA LYS E 157 -20.38 14.28 37.69
C LYS E 157 -21.60 13.35 37.83
N ASN E 158 -22.70 13.86 38.41
CA ASN E 158 -23.90 13.05 38.59
C ASN E 158 -24.69 12.99 37.29
N ASN E 159 -25.05 11.77 36.89
CA ASN E 159 -25.83 11.60 35.67
C ASN E 159 -26.31 10.16 35.61
N ILE E 160 -27.02 9.82 34.54
CA ILE E 160 -27.51 8.47 34.38
C ILE E 160 -26.29 7.54 34.24
N THR E 161 -26.34 6.41 34.93
CA THR E 161 -25.24 5.46 34.87
C THR E 161 -25.75 4.10 34.41
N MET E 162 -24.81 3.25 34.01
CA MET E 162 -25.14 1.91 33.55
C MET E 162 -25.56 1.05 34.74
N PRO E 163 -26.45 0.08 34.52
CA PRO E 163 -26.90 -0.78 35.61
C PRO E 163 -25.86 -1.85 35.97
N ASN E 164 -25.68 -2.12 37.27
CA ASN E 164 -24.72 -3.16 37.65
C ASN E 164 -25.37 -4.51 37.38
N ILE E 165 -24.58 -5.57 37.38
CA ILE E 165 -25.13 -6.87 37.06
C ILE E 165 -26.24 -7.39 37.98
N GLU E 166 -26.14 -7.12 39.29
CA GLU E 166 -27.18 -7.57 40.21
C GLU E 166 -28.53 -7.02 39.77
N ASN E 167 -28.56 -5.72 39.48
CA ASN E 167 -29.79 -5.08 39.04
C ASN E 167 -30.28 -5.60 37.71
N VAL E 168 -29.36 -5.91 36.80
CA VAL E 168 -29.75 -6.44 35.50
C VAL E 168 -30.43 -7.78 35.74
N LEU E 169 -29.73 -8.67 36.44
CA LEU E 169 -30.26 -9.99 36.75
C LEU E 169 -31.62 -9.94 37.45
N ASN E 170 -31.71 -9.11 38.48
CA ASN E 170 -32.96 -8.98 39.22
C ASN E 170 -34.11 -8.45 38.38
N PHE E 171 -33.82 -7.50 37.49
CA PHE E 171 -34.86 -6.92 36.64
C PHE E 171 -35.33 -7.91 35.58
N VAL E 172 -34.41 -8.74 35.10
CA VAL E 172 -34.73 -9.72 34.08
C VAL E 172 -35.37 -10.99 34.62
N LEU E 173 -34.84 -11.47 35.74
CA LEU E 173 -35.34 -12.71 36.35
C LEU E 173 -36.53 -12.59 37.29
N ASN E 174 -36.78 -11.39 37.81
CA ASN E 174 -37.90 -11.17 38.72
C ASN E 174 -39.03 -10.36 38.07
N ASP F 1 -16.57 3.91 35.53
CA ASP F 1 -17.21 2.74 34.87
C ASP F 1 -18.33 3.16 33.92
N SER F 2 -19.00 4.27 34.23
CA SER F 2 -20.07 4.78 33.38
C SER F 2 -19.56 6.04 32.70
N TYR F 3 -20.02 6.28 31.47
CA TYR F 3 -19.60 7.45 30.72
C TYR F 3 -20.83 8.23 30.25
N THR F 4 -20.65 9.53 30.06
CA THR F 4 -21.72 10.38 29.54
C THR F 4 -21.07 11.48 28.70
N CYS F 5 -21.80 11.97 27.72
CA CYS F 5 -21.32 13.03 26.85
C CYS F 5 -21.22 14.38 27.56
N MET G 1 19.58 -30.71 -26.81
CA MET G 1 18.68 -29.52 -26.71
C MET G 1 17.86 -29.34 -27.99
N TYR G 2 16.55 -29.48 -27.85
CA TYR G 2 15.66 -29.30 -28.98
C TYR G 2 15.16 -27.87 -29.02
N GLY G 3 14.22 -27.60 -29.92
CA GLY G 3 13.72 -26.23 -30.04
C GLY G 3 12.92 -25.73 -28.85
N LYS G 4 12.45 -24.50 -28.98
CA LYS G 4 11.65 -23.87 -27.94
C LYS G 4 10.34 -24.61 -27.75
N LEU G 5 9.95 -24.80 -26.49
CA LEU G 5 8.73 -25.51 -26.16
C LEU G 5 7.78 -24.65 -25.33
N LEU G 6 6.48 -24.75 -25.63
CA LEU G 6 5.48 -24.00 -24.91
C LEU G 6 4.52 -24.92 -24.16
N ILE G 7 4.31 -24.64 -22.88
CA ILE G 7 3.38 -25.41 -22.08
C ILE G 7 2.09 -24.61 -21.94
N CYS G 8 0.98 -25.23 -22.29
CA CYS G 8 -0.33 -24.61 -22.16
C CYS G 8 -0.96 -25.38 -21.01
N ALA G 9 -0.93 -24.78 -19.82
CA ALA G 9 -1.46 -25.40 -18.62
C ALA G 9 -2.89 -24.99 -18.36
N THR G 10 -3.74 -25.99 -18.06
CA THR G 10 -5.16 -25.74 -17.80
C THR G 10 -5.54 -26.09 -16.36
N ALA G 11 -6.79 -25.78 -15.99
CA ALA G 11 -7.29 -25.96 -14.64
C ALA G 11 -7.56 -27.36 -14.11
N SER G 12 -6.51 -28.18 -14.09
CA SER G 12 -6.58 -29.51 -13.54
C SER G 12 -5.93 -29.36 -12.16
N ILE G 13 -6.38 -30.15 -11.18
CA ILE G 13 -5.80 -30.05 -9.84
C ILE G 13 -4.27 -30.22 -9.91
N ASN G 14 -3.81 -30.98 -10.91
CA ASN G 14 -2.38 -31.24 -11.07
C ASN G 14 -1.55 -30.07 -11.61
N VAL G 15 -2.21 -28.96 -11.94
CA VAL G 15 -1.48 -27.82 -12.43
C VAL G 15 -0.59 -27.27 -11.30
N ILE G 16 -0.91 -27.63 -10.05
CA ILE G 16 -0.14 -27.13 -8.92
C ILE G 16 1.28 -27.70 -8.89
N ASN G 17 1.53 -28.72 -9.69
CA ASN G 17 2.85 -29.33 -9.75
C ASN G 17 3.49 -29.12 -11.10
N ILE G 18 3.01 -28.14 -11.83
CA ILE G 18 3.54 -27.86 -13.15
C ILE G 18 5.02 -27.46 -13.10
N ASN G 19 5.49 -26.96 -11.96
CA ASN G 19 6.88 -26.54 -11.86
C ASN G 19 7.84 -27.72 -12.02
N HIS G 20 7.43 -28.90 -11.59
CA HIS G 20 8.30 -30.06 -11.74
C HIS G 20 8.57 -30.34 -13.20
N TYR G 21 7.55 -30.15 -14.04
CA TYR G 21 7.71 -30.37 -15.48
C TYR G 21 8.58 -29.31 -16.13
N ILE G 22 8.38 -28.06 -15.75
CA ILE G 22 9.15 -26.98 -16.32
C ILE G 22 10.64 -27.24 -16.10
N VAL G 23 11.01 -27.55 -14.87
CA VAL G 23 12.40 -27.82 -14.52
C VAL G 23 12.99 -29.00 -15.30
N GLU G 24 12.22 -30.07 -15.42
CA GLU G 24 12.65 -31.25 -16.15
C GLU G 24 12.84 -30.94 -17.62
N LEU G 25 11.80 -30.38 -18.23
CA LEU G 25 11.83 -30.05 -19.65
C LEU G 25 12.92 -29.04 -19.99
N LYS G 26 13.28 -28.19 -19.04
CA LYS G 26 14.31 -27.19 -19.29
C LYS G 26 15.67 -27.81 -19.50
N GLN G 27 15.77 -29.11 -19.21
CA GLN G 27 17.02 -29.83 -19.39
C GLN G 27 17.10 -30.39 -20.81
N HIS G 28 16.02 -30.27 -21.58
CA HIS G 28 16.00 -30.80 -22.93
C HIS G 28 15.61 -29.83 -24.04
N PHE G 29 15.03 -28.69 -23.69
CA PHE G 29 14.61 -27.73 -24.71
C PHE G 29 15.23 -26.35 -24.48
N ASP G 30 15.67 -25.72 -25.57
CA ASP G 30 16.29 -24.40 -25.50
C ASP G 30 15.55 -23.47 -24.58
N GLU G 31 14.24 -23.49 -24.70
CA GLU G 31 13.38 -22.66 -23.88
C GLU G 31 12.11 -23.41 -23.52
N VAL G 32 11.60 -23.13 -22.33
CA VAL G 32 10.34 -23.71 -21.88
C VAL G 32 9.55 -22.52 -21.40
N ASN G 33 8.51 -22.18 -22.14
CA ASN G 33 7.65 -21.05 -21.80
C ASN G 33 6.30 -21.58 -21.37
N ILE G 34 5.54 -20.77 -20.66
CA ILE G 34 4.26 -21.24 -20.19
C ILE G 34 3.12 -20.23 -20.40
N LEU G 35 1.91 -20.78 -20.57
CA LEU G 35 0.70 -19.99 -20.80
C LEU G 35 -0.42 -20.71 -20.05
N PHE G 36 -1.12 -19.99 -19.18
CA PHE G 36 -2.21 -20.57 -18.39
C PHE G 36 -3.61 -20.22 -18.85
N SER G 37 -4.57 -21.07 -18.51
CA SER G 37 -5.96 -20.79 -18.83
C SER G 37 -6.40 -19.86 -17.69
N PRO G 38 -7.41 -19.00 -17.93
CA PRO G 38 -7.85 -18.10 -16.86
C PRO G 38 -8.19 -18.82 -15.54
N SER G 39 -8.88 -19.96 -15.65
CA SER G 39 -9.30 -20.72 -14.47
C SER G 39 -8.18 -21.34 -13.64
N SER G 40 -7.06 -21.68 -14.27
CA SER G 40 -5.97 -22.30 -13.53
C SER G 40 -5.37 -21.36 -12.51
N LYS G 41 -5.65 -20.06 -12.64
CA LYS G 41 -5.12 -19.08 -11.71
C LYS G 41 -5.75 -19.19 -10.32
N ASN G 42 -6.81 -19.99 -10.20
CA ASN G 42 -7.47 -20.22 -8.92
C ASN G 42 -6.75 -21.33 -8.16
N PHE G 43 -5.82 -22.01 -8.83
CA PHE G 43 -5.09 -23.11 -8.21
C PHE G 43 -3.69 -22.72 -7.80
N ILE G 44 -3.08 -21.81 -8.55
CA ILE G 44 -1.71 -21.40 -8.24
C ILE G 44 -1.44 -19.95 -8.56
N ASN G 45 -0.36 -19.43 -7.98
CA ASN G 45 0.08 -18.07 -8.24
C ASN G 45 0.99 -18.26 -9.46
N THR G 46 0.50 -17.95 -10.65
CA THR G 46 1.26 -18.14 -11.88
C THR G 46 2.52 -17.29 -11.96
N ASP G 47 2.54 -16.24 -11.16
CA ASP G 47 3.67 -15.34 -11.15
C ASP G 47 4.99 -16.02 -10.80
N VAL G 48 4.94 -16.95 -9.85
CA VAL G 48 6.13 -17.63 -9.41
C VAL G 48 6.79 -18.45 -10.52
N LEU G 49 6.00 -18.92 -11.50
CA LEU G 49 6.56 -19.70 -12.58
C LEU G 49 7.56 -18.90 -13.42
N LYS G 50 7.55 -17.58 -13.28
CA LYS G 50 8.49 -16.73 -14.00
C LYS G 50 9.91 -17.04 -13.56
N LEU G 51 10.05 -17.66 -12.40
CA LEU G 51 11.35 -18.00 -11.85
C LEU G 51 11.90 -19.29 -12.45
N PHE G 52 11.04 -20.06 -13.11
CA PHE G 52 11.45 -21.33 -13.67
C PHE G 52 11.45 -21.38 -15.18
N CYS G 53 10.45 -20.76 -15.79
CA CYS G 53 10.37 -20.79 -17.24
C CYS G 53 11.02 -19.54 -17.83
N ASP G 54 11.37 -19.61 -19.11
CA ASP G 54 12.00 -18.49 -19.79
C ASP G 54 11.04 -17.32 -19.95
N ASN G 55 9.81 -17.62 -20.36
CA ASN G 55 8.79 -16.59 -20.54
C ASN G 55 7.41 -17.04 -20.11
N LEU G 56 6.69 -16.12 -19.48
CA LEU G 56 5.33 -16.37 -19.04
C LEU G 56 4.42 -15.45 -19.85
N TYR G 57 3.50 -16.04 -20.62
CA TYR G 57 2.57 -15.25 -21.40
C TYR G 57 1.33 -15.00 -20.55
N ASP G 58 1.08 -13.73 -20.25
CA ASP G 58 -0.04 -13.32 -19.41
C ASP G 58 -1.01 -12.42 -20.19
N GLU G 59 -2.17 -12.96 -20.56
CA GLU G 59 -3.14 -12.18 -21.33
C GLU G 59 -3.79 -11.04 -20.54
N ILE G 60 -3.64 -11.02 -19.23
CA ILE G 60 -4.19 -9.95 -18.43
C ILE G 60 -3.18 -8.79 -18.40
N LYS G 61 -1.90 -9.14 -18.23
CA LYS G 61 -0.84 -8.14 -18.21
C LYS G 61 -0.80 -7.51 -19.60
N ASP G 62 -0.95 -8.34 -20.63
CA ASP G 62 -0.96 -7.86 -22.00
C ASP G 62 -2.06 -8.53 -22.82
N PRO G 63 -3.22 -7.87 -22.92
CA PRO G 63 -4.38 -8.40 -23.66
C PRO G 63 -4.16 -8.49 -25.17
N LEU G 64 -3.10 -7.87 -25.67
CA LEU G 64 -2.85 -7.90 -27.11
C LEU G 64 -1.66 -8.75 -27.57
N LEU G 65 -1.45 -9.88 -26.89
CA LEU G 65 -0.37 -10.79 -27.24
C LEU G 65 -0.73 -11.43 -28.59
N ASN G 66 0.22 -11.41 -29.51
CA ASN G 66 0.04 -11.95 -30.85
C ASN G 66 0.14 -13.48 -30.83
N ASN G 67 -0.99 -14.17 -30.98
CA ASN G 67 -0.98 -15.63 -30.96
C ASN G 67 -0.15 -16.23 -32.09
N ILE G 68 -0.08 -15.53 -33.22
CA ILE G 68 0.70 -16.01 -34.36
C ILE G 68 2.18 -16.02 -33.99
N ASN G 69 2.64 -14.96 -33.31
CA ASN G 69 4.04 -14.89 -32.90
C ASN G 69 4.35 -15.99 -31.91
N ILE G 70 3.44 -16.22 -30.98
CA ILE G 70 3.64 -17.24 -29.97
C ILE G 70 3.78 -18.61 -30.61
N VAL G 71 2.90 -18.91 -31.56
CA VAL G 71 2.97 -20.21 -32.24
C VAL G 71 4.25 -20.35 -33.07
N GLU G 72 4.62 -19.29 -33.78
CA GLU G 72 5.83 -19.33 -34.60
C GLU G 72 7.12 -19.44 -33.79
N ASN G 73 7.08 -18.96 -32.57
CA ASN G 73 8.25 -18.97 -31.70
C ASN G 73 8.53 -20.33 -31.07
N HIS G 74 7.65 -21.31 -31.27
CA HIS G 74 7.86 -22.62 -30.67
C HIS G 74 7.78 -23.77 -31.65
N GLU G 75 8.53 -24.85 -31.37
CA GLU G 75 8.52 -26.03 -32.21
C GLU G 75 7.55 -27.04 -31.65
N TYR G 76 7.28 -26.93 -30.36
CA TYR G 76 6.35 -27.85 -29.71
C TYR G 76 5.42 -27.09 -28.77
N ILE G 77 4.15 -27.47 -28.77
CA ILE G 77 3.17 -26.87 -27.89
C ILE G 77 2.47 -28.01 -27.15
N LEU G 78 2.61 -28.01 -25.83
CA LEU G 78 2.01 -29.05 -24.99
C LEU G 78 0.86 -28.54 -24.14
N VAL G 79 -0.26 -29.25 -24.16
CA VAL G 79 -1.37 -28.87 -23.31
C VAL G 79 -1.16 -29.86 -22.16
N LEU G 80 -0.63 -29.34 -21.05
CA LEU G 80 -0.31 -30.17 -19.91
C LEU G 80 -0.40 -29.40 -18.59
N PRO G 81 -1.33 -29.78 -17.71
CA PRO G 81 -2.29 -30.88 -17.88
C PRO G 81 -3.39 -30.37 -18.81
N ALA G 82 -4.00 -31.28 -19.57
CA ALA G 82 -5.07 -30.86 -20.47
C ALA G 82 -6.41 -31.23 -19.85
N SER G 83 -7.24 -30.22 -19.59
CA SER G 83 -8.55 -30.45 -19.00
C SER G 83 -9.56 -30.91 -20.06
N ALA G 84 -10.65 -31.53 -19.60
CA ALA G 84 -11.68 -31.98 -20.51
C ALA G 84 -12.21 -30.77 -21.28
N ASN G 85 -12.44 -29.68 -20.55
CA ASN G 85 -12.94 -28.46 -21.16
C ASN G 85 -12.07 -27.96 -22.31
N THR G 86 -10.76 -27.79 -22.07
CA THR G 86 -9.88 -27.30 -23.11
C THR G 86 -9.77 -28.26 -24.28
N ILE G 87 -9.75 -29.56 -23.98
CA ILE G 87 -9.68 -30.56 -25.04
C ILE G 87 -10.89 -30.41 -25.95
N ASN G 88 -12.06 -30.29 -25.35
CA ASN G 88 -13.29 -30.14 -26.10
C ASN G 88 -13.39 -28.82 -26.86
N LYS G 89 -12.81 -27.76 -26.29
CA LYS G 89 -12.83 -26.46 -26.97
C LYS G 89 -11.93 -26.54 -28.21
N ILE G 90 -10.76 -27.15 -28.04
CA ILE G 90 -9.83 -27.29 -29.15
C ILE G 90 -10.46 -28.10 -30.26
N ALA G 91 -11.10 -29.20 -29.89
CA ALA G 91 -11.74 -30.07 -30.88
C ALA G 91 -12.82 -29.33 -31.68
N ASN G 92 -13.52 -28.38 -31.04
CA ASN G 92 -14.56 -27.63 -31.73
C ASN G 92 -14.09 -26.30 -32.32
N GLY G 93 -12.79 -26.05 -32.21
CA GLY G 93 -12.24 -24.82 -32.75
C GLY G 93 -12.58 -23.60 -31.93
N ILE G 94 -13.05 -23.82 -30.70
CA ILE G 94 -13.39 -22.69 -29.86
C ILE G 94 -12.15 -22.12 -29.21
N CYS G 95 -11.99 -20.81 -29.34
CA CYS G 95 -10.83 -20.14 -28.78
C CYS G 95 -11.21 -18.79 -28.17
N ASP G 96 -11.84 -18.84 -26.99
CA ASP G 96 -12.25 -17.63 -26.31
C ASP G 96 -11.30 -17.13 -25.23
N ASN G 97 -10.07 -17.62 -25.25
CA ASN G 97 -9.02 -17.16 -24.34
C ASN G 97 -7.71 -17.36 -25.09
N LEU G 98 -6.64 -16.74 -24.62
CA LEU G 98 -5.35 -16.86 -25.31
C LEU G 98 -4.86 -18.30 -25.50
N LEU G 99 -4.98 -19.12 -24.46
CA LEU G 99 -4.51 -20.48 -24.54
C LEU G 99 -5.17 -21.25 -25.68
N THR G 100 -6.49 -21.24 -25.73
CA THR G 100 -7.19 -21.96 -26.79
C THR G 100 -6.96 -21.32 -28.15
N THR G 101 -6.72 -20.02 -28.19
CA THR G 101 -6.47 -19.35 -29.46
C THR G 101 -5.13 -19.84 -29.99
N VAL G 102 -4.17 -20.00 -29.09
CA VAL G 102 -2.84 -20.48 -29.47
C VAL G 102 -2.96 -21.91 -29.97
N CYS G 103 -3.77 -22.72 -29.30
CA CYS G 103 -3.95 -24.10 -29.70
C CYS G 103 -4.62 -24.23 -31.07
N LEU G 104 -5.52 -23.30 -31.41
CA LEU G 104 -6.18 -23.37 -32.70
C LEU G 104 -5.17 -23.02 -33.79
N THR G 105 -4.40 -21.97 -33.52
CA THR G 105 -3.39 -21.51 -34.48
C THR G 105 -2.25 -22.51 -34.65
N GLY G 106 -1.86 -23.18 -33.58
CA GLY G 106 -0.76 -24.13 -33.67
C GLY G 106 -1.15 -25.59 -33.59
N TYR G 107 -2.32 -25.95 -34.14
CA TYR G 107 -2.77 -27.33 -34.11
C TYR G 107 -1.74 -28.32 -34.66
N GLN G 108 -0.89 -27.84 -35.58
CA GLN G 108 0.13 -28.70 -36.19
C GLN G 108 1.31 -29.05 -35.26
N LYS G 109 1.48 -28.33 -34.16
CA LYS G 109 2.59 -28.59 -33.24
C LYS G 109 2.01 -28.95 -31.87
N LEU G 110 0.73 -29.31 -31.87
CA LEU G 110 0.04 -29.61 -30.62
C LEU G 110 0.16 -31.04 -30.07
N PHE G 111 0.46 -31.12 -28.78
CA PHE G 111 0.58 -32.40 -28.07
C PHE G 111 -0.29 -32.26 -26.82
N ILE G 112 -1.32 -33.09 -26.73
CA ILE G 112 -2.26 -33.03 -25.62
C ILE G 112 -2.13 -34.16 -24.60
N PHE G 113 -1.98 -33.81 -23.33
CA PHE G 113 -1.86 -34.79 -22.26
C PHE G 113 -3.05 -34.66 -21.32
N PRO G 114 -4.10 -35.45 -21.58
CA PRO G 114 -5.33 -35.42 -20.76
C PRO G 114 -5.14 -35.79 -19.29
N ASN G 115 -5.84 -35.07 -18.42
CA ASN G 115 -5.80 -35.36 -17.00
C ASN G 115 -7.16 -34.99 -16.40
N MET G 116 -7.81 -35.97 -15.78
CA MET G 116 -9.12 -35.75 -15.19
C MET G 116 -9.55 -37.06 -14.54
N ASN G 117 -10.65 -37.03 -13.82
CA ASN G 117 -11.18 -38.22 -13.18
C ASN G 117 -11.60 -39.19 -14.26
N ILE G 118 -11.45 -40.48 -13.97
CA ILE G 118 -11.82 -41.51 -14.91
C ILE G 118 -13.30 -41.34 -15.30
N ARG G 119 -14.12 -40.90 -14.36
CA ARG G 119 -15.54 -40.71 -14.67
C ARG G 119 -15.74 -39.63 -15.73
N MET G 120 -14.97 -38.55 -15.67
CA MET G 120 -15.07 -37.48 -16.65
C MET G 120 -14.56 -38.05 -17.97
N TRP G 121 -13.48 -38.82 -17.89
CA TRP G 121 -12.86 -39.43 -19.05
C TRP G 121 -13.85 -40.27 -19.87
N GLY G 122 -14.86 -40.81 -19.19
CA GLY G 122 -15.85 -41.64 -19.86
C GLY G 122 -16.93 -40.86 -20.59
N ASN G 123 -16.94 -39.53 -20.45
CA ASN G 123 -17.95 -38.72 -21.12
C ASN G 123 -17.94 -38.98 -22.63
N PRO G 124 -19.11 -39.32 -23.20
CA PRO G 124 -19.30 -39.61 -24.63
C PRO G 124 -18.82 -38.48 -25.52
N PHE G 125 -19.23 -37.27 -25.18
CA PHE G 125 -18.89 -36.08 -25.97
C PHE G 125 -17.39 -35.81 -25.95
N LEU G 126 -16.77 -36.01 -24.79
CA LEU G 126 -15.34 -35.82 -24.69
C LEU G 126 -14.65 -36.81 -25.63
N GLN G 127 -15.05 -38.07 -25.54
CA GLN G 127 -14.46 -39.11 -26.38
C GLN G 127 -14.63 -38.87 -27.87
N LYS G 128 -15.79 -38.36 -28.29
CA LYS G 128 -15.98 -38.10 -29.72
C LYS G 128 -14.98 -37.04 -30.18
N ASN G 129 -14.73 -36.08 -29.32
CA ASN G 129 -13.80 -34.99 -29.63
C ASN G 129 -12.35 -35.49 -29.67
N ILE G 130 -12.04 -36.45 -28.80
CA ILE G 130 -10.70 -36.99 -28.79
C ILE G 130 -10.42 -37.76 -30.08
N ASP G 131 -11.45 -38.43 -30.61
CA ASP G 131 -11.31 -39.15 -31.87
C ASP G 131 -11.12 -38.15 -32.98
N LEU G 132 -11.95 -37.10 -32.95
CA LEU G 132 -11.89 -36.05 -33.95
C LEU G 132 -10.51 -35.39 -33.97
N LEU G 133 -9.95 -35.18 -32.79
CA LEU G 133 -8.63 -34.58 -32.67
C LEU G 133 -7.59 -35.49 -33.29
N LYS G 134 -7.62 -36.77 -32.92
CA LYS G 134 -6.67 -37.74 -33.45
C LYS G 134 -6.80 -37.93 -34.96
N ASN G 135 -8.03 -37.97 -35.45
CA ASN G 135 -8.26 -38.16 -36.87
C ASN G 135 -7.89 -36.94 -37.70
N ASN G 136 -7.45 -35.88 -37.03
CA ASN G 136 -7.06 -34.67 -37.72
C ASN G 136 -5.64 -34.27 -37.38
N ASP G 137 -4.84 -35.28 -37.07
CA ASP G 137 -3.43 -35.11 -36.74
C ASP G 137 -3.02 -34.30 -35.54
N VAL G 138 -3.85 -34.29 -34.51
CA VAL G 138 -3.49 -33.59 -33.29
C VAL G 138 -3.11 -34.75 -32.40
N LYS G 139 -1.89 -34.69 -31.88
CA LYS G 139 -1.38 -35.75 -31.02
C LYS G 139 -2.00 -35.73 -29.63
N VAL G 140 -2.73 -36.79 -29.31
CA VAL G 140 -3.36 -36.90 -28.01
C VAL G 140 -2.81 -38.12 -27.29
N TYR G 141 -2.11 -37.88 -26.19
CA TYR G 141 -1.52 -38.95 -25.40
C TYR G 141 -2.62 -39.77 -24.73
N SER G 142 -2.38 -41.07 -24.56
CA SER G 142 -3.37 -41.92 -23.90
C SER G 142 -3.07 -41.89 -22.41
N PRO G 143 -3.99 -41.34 -21.62
CA PRO G 143 -3.83 -41.25 -20.16
C PRO G 143 -3.37 -42.53 -19.50
N ASP G 144 -2.46 -42.39 -18.53
CA ASP G 144 -1.95 -43.54 -17.79
C ASP G 144 -2.89 -43.83 -16.62
N MET G 145 -3.02 -45.10 -16.26
CA MET G 145 -3.84 -45.53 -15.12
C MET G 145 -2.88 -46.00 -14.05
N ASN G 146 -3.12 -45.64 -12.79
CA ASN G 146 -2.23 -46.04 -11.71
C ASN G 146 -2.72 -45.51 -10.38
N LYS G 147 -1.88 -45.62 -9.35
CA LYS G 147 -2.24 -45.13 -8.02
C LYS G 147 -2.22 -43.62 -8.04
N SER G 148 -3.40 -43.06 -7.80
CA SER G 148 -3.57 -41.61 -7.77
C SER G 148 -4.15 -41.26 -6.41
N PHE G 149 -3.63 -40.21 -5.79
CA PHE G 149 -4.15 -39.81 -4.50
C PHE G 149 -5.45 -39.03 -4.72
N GLU G 150 -6.57 -39.69 -4.47
CA GLU G 150 -7.88 -39.08 -4.62
C GLU G 150 -8.10 -38.06 -3.49
N ILE G 151 -8.41 -36.81 -3.86
CA ILE G 151 -8.61 -35.76 -2.86
C ILE G 151 -9.94 -35.87 -2.11
N SER G 152 -10.91 -36.58 -2.69
CA SER G 152 -12.22 -36.76 -2.05
C SER G 152 -12.04 -37.51 -0.71
N SER G 153 -11.16 -38.50 -0.72
CA SER G 153 -10.84 -39.30 0.46
C SER G 153 -9.33 -39.49 0.43
N GLY G 154 -8.66 -39.15 1.52
CA GLY G 154 -7.21 -39.29 1.57
C GLY G 154 -6.73 -40.72 1.40
N ARG G 155 -7.15 -41.36 0.30
CA ARG G 155 -6.78 -42.74 0.00
C ARG G 155 -6.27 -42.87 -1.43
N TYR G 156 -5.22 -43.66 -1.61
CA TYR G 156 -4.66 -43.88 -2.94
C TYR G 156 -5.45 -44.96 -3.66
N LYS G 157 -6.13 -44.58 -4.73
CA LYS G 157 -6.91 -45.53 -5.50
C LYS G 157 -6.37 -45.55 -6.92
N ASN G 158 -7.04 -46.28 -7.80
CA ASN G 158 -6.61 -46.35 -9.18
C ASN G 158 -7.40 -45.37 -10.03
N ASN G 159 -6.70 -44.56 -10.80
CA ASN G 159 -7.35 -43.57 -11.64
C ASN G 159 -6.35 -43.06 -12.65
N ILE G 160 -6.76 -42.08 -13.45
CA ILE G 160 -5.85 -41.50 -14.43
C ILE G 160 -4.76 -40.75 -13.66
N THR G 161 -3.51 -40.89 -14.11
CA THR G 161 -2.39 -40.23 -13.48
C THR G 161 -1.63 -39.38 -14.47
N MET G 162 -0.81 -38.46 -13.96
CA MET G 162 -0.02 -37.58 -14.79
C MET G 162 1.11 -38.36 -15.45
N PRO G 163 1.50 -37.98 -16.67
CA PRO G 163 2.58 -38.68 -17.37
C PRO G 163 3.96 -38.36 -16.80
N ASN G 164 4.83 -39.36 -16.65
CA ASN G 164 6.18 -39.08 -16.16
C ASN G 164 6.95 -38.43 -17.30
N ILE G 165 8.07 -37.81 -16.99
CA ILE G 165 8.84 -37.13 -18.01
C ILE G 165 9.32 -38.00 -19.18
N GLU G 166 9.73 -39.24 -18.91
CA GLU G 166 10.19 -40.10 -20.01
C GLU G 166 9.10 -40.23 -21.07
N ASN G 167 7.88 -40.48 -20.61
CA ASN G 167 6.75 -40.63 -21.52
C ASN G 167 6.41 -39.33 -22.25
N VAL G 168 6.55 -38.20 -21.56
CA VAL G 168 6.27 -36.92 -22.18
C VAL G 168 7.27 -36.72 -23.31
N LEU G 169 8.55 -36.86 -22.98
CA LEU G 169 9.62 -36.70 -23.97
C LEU G 169 9.46 -37.63 -25.16
N ASN G 170 9.20 -38.89 -24.87
CA ASN G 170 9.05 -39.86 -25.94
C ASN G 170 7.85 -39.57 -26.84
N PHE G 171 6.74 -39.13 -26.25
CA PHE G 171 5.54 -38.82 -27.03
C PHE G 171 5.75 -37.58 -27.90
N VAL G 172 6.48 -36.62 -27.38
CA VAL G 172 6.74 -35.37 -28.09
C VAL G 172 7.86 -35.47 -29.13
N LEU G 173 8.92 -36.17 -28.80
CA LEU G 173 10.05 -36.30 -29.71
C LEU G 173 9.98 -37.46 -30.72
N ASN G 174 9.16 -38.47 -30.45
CA ASN G 174 9.02 -39.60 -31.36
C ASN G 174 7.69 -39.60 -32.13
N ASP H 1 3.88 -37.08 -6.70
CA ASP H 1 2.59 -37.77 -6.47
C ASP H 1 1.52 -37.18 -7.40
N SER H 2 0.74 -38.04 -8.04
CA SER H 2 -0.31 -37.63 -8.96
C SER H 2 -1.64 -37.47 -8.20
N TYR H 3 -2.50 -36.57 -8.66
CA TYR H 3 -3.79 -36.32 -7.98
C TYR H 3 -5.02 -36.50 -8.88
N THR H 4 -6.16 -36.73 -8.25
CA THR H 4 -7.45 -36.89 -8.92
C THR H 4 -8.55 -36.42 -7.98
N CYS H 5 -9.63 -35.86 -8.52
CA CYS H 5 -10.74 -35.38 -7.71
C CYS H 5 -11.51 -36.51 -7.04
#